data_3DU6
#
_entry.id   3DU6
#
_cell.length_a   85.042
_cell.length_b   122.657
_cell.length_c   212.406
_cell.angle_alpha   90.00
_cell.angle_beta   90.00
_cell.angle_gamma   90.00
#
_symmetry.space_group_name_H-M   'P 21 21 21'
#
loop_
_entity.id
_entity.type
_entity.pdbx_description
1 polymer 'Telomerase reverse transcriptase'
2 water water
#
_entity_poly.entity_id   1
_entity_poly.type   'polypeptide(L)'
_entity_poly.pdbx_seq_one_letter_code
;MVHYYRLSLKSRQKAPKIVNSKYNSILNIALKNFRLCKKHKTKKPVQILALLQEIIPKSYFGTTTNLKRFYKVVEKILTQ
SSFECIHLSVLHKCYDYDAIPWLQNVEPNLRPKLLLKHNLFLLDNIVKPIIAFYYKPIKTLNGHEIKFIRKEEYISFESK
VFHKLKKMKYLVEVQDEVKPRGVLNIIPKQDNFRAIVSIFPDSARKPFFKLLTSKIYKVLEEKYKTSGSLYTCWSEFTQK
TQGQIYGIKVDIRDAYGNVKIPVLCKLIQSIPTHLLDSEKKNFIVDHISNQFVAFRRKIYKWNHGLLQGDPLSGCLCELY
MAFMDRLYFSNLDKDAFIHRTVDDYFFCSPHPHKVYDFELLIKGVYQVNPTKTRTNLPTHRHPQDEIPYCGKIFNLTTRQ
VRTLYKLPPNYEIRHKFKLWNFNNQISDDNPARFLQKAMDFPFICNSFTKFEFNTVFNDQRTVFANFYDAMICVAYKFDA
AMMALRTSFLVNDFGFIWLVLSSTVRAYASRAFKKIVTYKGGKYRKVTFQCLKSIAWRAFLAVLKRRTEIYKGLIDRIKS
REKLTMKFHDGEVDASYFCKLPEKFRFVKINRKASI
;
_entity_poly.pdbx_strand_id   A,B
#
# COMPACT_ATOMS: atom_id res chain seq x y z
N MET A 1 -26.62 -0.85 15.00
CA MET A 1 -25.36 -1.12 14.23
C MET A 1 -25.29 -2.56 13.66
N VAL A 2 -26.32 -3.37 13.93
CA VAL A 2 -26.30 -4.77 13.47
C VAL A 2 -27.22 -5.07 12.29
N HIS A 3 -26.61 -5.22 11.12
CA HIS A 3 -27.33 -5.58 9.90
C HIS A 3 -27.17 -7.07 9.56
N TYR A 4 -26.08 -7.69 10.04
CA TYR A 4 -25.72 -9.05 9.61
C TYR A 4 -26.18 -10.16 10.56
N TYR A 5 -26.49 -11.31 9.96
CA TYR A 5 -26.58 -12.56 10.67
C TYR A 5 -25.45 -13.46 10.16
N ARG A 6 -24.66 -14.03 11.07
CA ARG A 6 -23.58 -14.94 10.65
C ARG A 6 -24.11 -16.32 10.27
N LEU A 7 -23.50 -16.97 9.27
CA LEU A 7 -23.94 -18.31 8.84
C LEU A 7 -23.24 -19.43 9.61
N SER A 8 -22.23 -19.06 10.41
CA SER A 8 -21.44 -20.04 11.13
C SER A 8 -22.27 -20.90 12.07
N LEU A 9 -21.98 -22.20 12.08
CA LEU A 9 -22.60 -23.13 13.01
C LEU A 9 -22.24 -22.80 14.45
N LYS A 10 -21.12 -22.13 14.65
CA LYS A 10 -20.65 -21.76 15.99
C LYS A 10 -21.68 -20.94 16.79
N SER A 11 -22.46 -20.12 16.10
CA SER A 11 -23.49 -19.30 16.74
C SER A 11 -24.68 -20.13 17.21
N ARG A 12 -24.68 -21.40 16.82
CA ARG A 12 -25.79 -22.32 17.13
C ARG A 12 -26.11 -22.34 18.63
N GLN A 13 -27.37 -22.53 18.95
CA GLN A 13 -27.79 -22.63 20.34
C GLN A 13 -28.37 -24.01 20.70
N LYS A 14 -28.35 -24.33 21.99
CA LYS A 14 -28.96 -25.56 22.51
C LYS A 14 -30.47 -25.40 22.61
N ALA A 15 -31.20 -26.08 21.73
CA ALA A 15 -32.66 -25.97 21.67
C ALA A 15 -33.32 -26.35 22.99
N PRO A 16 -34.24 -25.50 23.48
CA PRO A 16 -35.02 -25.82 24.66
C PRO A 16 -36.06 -26.92 24.38
N LYS A 17 -36.81 -27.32 25.40
CA LYS A 17 -37.89 -28.29 25.20
C LYS A 17 -39.10 -27.60 24.58
N ILE A 18 -39.50 -26.48 25.16
CA ILE A 18 -40.56 -25.63 24.62
C ILE A 18 -40.18 -24.15 24.69
N VAL A 19 -40.84 -23.33 23.87
CA VAL A 19 -40.57 -21.90 23.84
C VAL A 19 -41.33 -21.16 24.94
N ASN A 20 -40.88 -19.95 25.26
CA ASN A 20 -41.51 -19.14 26.30
C ASN A 20 -42.61 -18.23 25.76
N SER A 21 -43.09 -17.32 26.61
CA SER A 21 -44.14 -16.36 26.26
C SER A 21 -43.86 -15.58 24.97
N LYS A 22 -42.60 -15.19 24.76
CA LYS A 22 -42.20 -14.34 23.62
C LYS A 22 -42.56 -14.92 22.25
N TYR A 23 -42.61 -16.25 22.16
CA TYR A 23 -42.77 -16.93 20.88
C TYR A 23 -44.12 -17.61 20.76
N ASN A 24 -44.52 -17.87 19.51
CA ASN A 24 -45.74 -18.61 19.21
C ASN A 24 -45.53 -20.10 19.44
N SER A 25 -46.59 -20.78 19.88
CA SER A 25 -46.55 -22.22 20.15
C SER A 25 -46.19 -23.06 18.91
N ILE A 26 -46.41 -22.47 17.74
CA ILE A 26 -46.11 -23.13 16.47
C ILE A 26 -44.69 -23.73 16.50
N LEU A 27 -43.78 -23.04 17.17
CA LEU A 27 -42.38 -23.45 17.27
C LEU A 27 -42.19 -24.75 18.06
N ASN A 28 -43.01 -24.94 19.08
CA ASN A 28 -42.99 -26.19 19.87
C ASN A 28 -43.12 -27.47 19.05
N ILE A 29 -43.89 -27.39 17.97
CA ILE A 29 -44.04 -28.51 17.03
C ILE A 29 -42.70 -28.81 16.37
N ALA A 30 -42.09 -27.79 15.79
CA ALA A 30 -40.79 -27.93 15.16
C ALA A 30 -39.74 -28.46 16.12
N LEU A 31 -39.82 -28.07 17.38
CA LEU A 31 -38.89 -28.56 18.40
C LEU A 31 -39.13 -30.05 18.69
N LYS A 32 -40.40 -30.44 18.71
CA LYS A 32 -40.75 -31.84 18.90
C LYS A 32 -40.23 -32.64 17.71
N ASN A 33 -40.42 -32.09 16.53
CA ASN A 33 -40.02 -32.74 15.30
C ASN A 33 -38.51 -32.91 15.21
N PHE A 34 -37.77 -31.90 15.69
CA PHE A 34 -36.30 -31.97 15.74
C PHE A 34 -35.83 -33.08 16.67
N ARG A 35 -36.48 -33.21 17.83
CA ARG A 35 -36.17 -34.26 18.79
C ARG A 35 -36.47 -35.63 18.16
N LEU A 36 -37.66 -35.78 17.60
CA LEU A 36 -38.05 -37.01 16.93
C LEU A 36 -37.04 -37.44 15.87
N CYS A 37 -36.65 -36.49 15.01
CA CYS A 37 -35.70 -36.74 13.92
C CYS A 37 -34.35 -37.30 14.42
N LYS A 38 -33.81 -36.69 15.47
CA LYS A 38 -32.56 -37.14 16.03
C LYS A 38 -32.65 -38.54 16.62
N LYS A 39 -33.80 -38.86 17.21
CA LYS A 39 -34.03 -40.18 17.80
C LYS A 39 -34.14 -41.29 16.76
N HIS A 40 -34.39 -40.91 15.51
CA HIS A 40 -34.66 -41.89 14.46
C HIS A 40 -33.40 -42.30 13.73
N LYS A 41 -33.13 -43.60 13.71
CA LYS A 41 -31.95 -44.14 13.04
C LYS A 41 -32.29 -44.80 11.71
N THR A 42 -31.73 -44.28 10.62
CA THR A 42 -31.93 -44.83 9.29
C THR A 42 -30.62 -45.11 8.55
N LYS A 43 -30.63 -46.22 7.81
CA LYS A 43 -29.51 -46.59 6.92
C LYS A 43 -29.56 -45.85 5.58
N LYS A 44 -30.40 -44.82 5.49
CA LYS A 44 -30.59 -44.03 4.27
C LYS A 44 -30.10 -42.57 4.44
N PRO A 45 -29.20 -42.12 3.54
CA PRO A 45 -28.55 -40.80 3.61
C PRO A 45 -29.50 -39.65 3.90
N VAL A 46 -29.02 -38.67 4.66
CA VAL A 46 -29.84 -37.51 5.05
C VAL A 46 -29.64 -36.30 4.12
N GLN A 47 -30.75 -35.75 3.64
CA GLN A 47 -30.74 -34.42 3.00
C GLN A 47 -31.38 -33.40 3.94
N ILE A 48 -30.61 -32.40 4.38
CA ILE A 48 -31.09 -31.47 5.39
C ILE A 48 -32.36 -30.70 4.95
N LEU A 49 -32.30 -30.13 3.74
CA LEU A 49 -33.47 -29.48 3.15
C LEU A 49 -34.74 -30.31 3.30
N ALA A 50 -34.68 -31.57 2.89
CA ALA A 50 -35.85 -32.47 3.01
C ALA A 50 -36.28 -32.68 4.46
N LEU A 51 -35.32 -32.99 5.33
CA LEU A 51 -35.58 -33.21 6.76
C LEU A 51 -36.27 -32.01 7.42
N LEU A 52 -35.76 -30.82 7.16
CA LEU A 52 -36.31 -29.61 7.78
C LEU A 52 -37.75 -29.38 7.37
N GLN A 53 -38.04 -29.70 6.12
CA GLN A 53 -39.38 -29.56 5.58
C GLN A 53 -40.37 -30.57 6.20
N GLU A 54 -39.84 -31.47 7.01
CA GLU A 54 -40.67 -32.36 7.83
C GLU A 54 -40.72 -31.84 9.26
N ILE A 55 -39.66 -31.13 9.65
CA ILE A 55 -39.51 -30.67 11.02
C ILE A 55 -40.29 -29.38 11.26
N ILE A 56 -40.04 -28.37 10.42
CA ILE A 56 -40.81 -27.12 10.45
C ILE A 56 -42.06 -27.26 9.58
N PRO A 57 -43.25 -27.32 10.21
CA PRO A 57 -44.49 -27.54 9.44
C PRO A 57 -44.75 -26.42 8.46
N LYS A 58 -45.41 -26.73 7.34
CA LYS A 58 -45.67 -25.72 6.31
C LYS A 58 -46.54 -24.57 6.82
N SER A 59 -47.33 -24.83 7.86
CA SER A 59 -48.22 -23.83 8.45
C SER A 59 -47.47 -22.67 9.09
N TYR A 60 -46.17 -22.85 9.33
CA TYR A 60 -45.35 -21.76 9.82
C TYR A 60 -45.10 -20.72 8.72
N PHE A 61 -45.08 -21.19 7.47
CA PHE A 61 -44.82 -20.33 6.33
C PHE A 61 -46.10 -19.91 5.61
N GLY A 62 -47.13 -20.75 5.67
CA GLY A 62 -48.38 -20.46 5.00
C GLY A 62 -48.40 -20.82 3.52
N THR A 63 -47.40 -20.35 2.78
CA THR A 63 -47.32 -20.61 1.34
C THR A 63 -45.96 -21.14 0.92
N THR A 64 -45.93 -21.84 -0.22
CA THR A 64 -44.70 -22.37 -0.80
C THR A 64 -43.66 -21.27 -1.04
N THR A 65 -44.14 -20.12 -1.52
CA THR A 65 -43.29 -18.95 -1.78
C THR A 65 -42.57 -18.44 -0.51
N ASN A 66 -43.30 -18.33 0.60
CA ASN A 66 -42.70 -17.96 1.88
C ASN A 66 -41.68 -18.99 2.38
N LEU A 67 -42.03 -20.27 2.25
CA LEU A 67 -41.17 -21.36 2.65
C LEU A 67 -39.85 -21.36 1.86
N LYS A 68 -39.94 -21.07 0.57
CA LYS A 68 -38.77 -21.09 -0.31
C LYS A 68 -37.80 -19.95 0.00
N ARG A 69 -38.34 -18.82 0.47
CA ARG A 69 -37.51 -17.68 0.86
C ARG A 69 -36.65 -18.00 2.08
N PHE A 70 -37.23 -18.74 3.02
CA PHE A 70 -36.52 -19.16 4.23
C PHE A 70 -35.44 -20.17 3.92
N TYR A 71 -35.70 -21.06 2.99
CA TYR A 71 -34.77 -22.16 2.69
C TYR A 71 -33.63 -21.76 1.80
N LYS A 72 -33.74 -20.59 1.18
CA LYS A 72 -32.58 -19.98 0.51
C LYS A 72 -31.50 -19.71 1.55
N VAL A 73 -31.92 -19.25 2.72
CA VAL A 73 -31.00 -18.99 3.83
C VAL A 73 -30.35 -20.28 4.30
N VAL A 74 -31.18 -21.30 4.49
CA VAL A 74 -30.70 -22.63 4.88
C VAL A 74 -29.72 -23.18 3.84
N GLU A 75 -30.06 -23.02 2.56
CA GLU A 75 -29.16 -23.45 1.52
C GLU A 75 -27.80 -22.70 1.55
N LYS A 76 -27.81 -21.42 1.94
CA LYS A 76 -26.55 -20.68 2.09
C LYS A 76 -25.72 -21.25 3.24
N ILE A 77 -26.36 -21.41 4.40
CA ILE A 77 -25.73 -22.04 5.54
C ILE A 77 -25.10 -23.37 5.13
N LEU A 78 -25.82 -24.16 4.35
CA LEU A 78 -25.32 -25.49 3.91
C LEU A 78 -24.13 -25.39 2.94
N THR A 79 -23.94 -24.23 2.33
CA THR A 79 -22.85 -24.02 1.38
C THR A 79 -21.90 -22.86 1.78
N GLN A 80 -21.88 -22.53 3.07
CA GLN A 80 -21.21 -21.32 3.58
C GLN A 80 -19.68 -21.31 3.43
N SER A 81 -19.13 -20.10 3.36
CA SER A 81 -17.70 -19.86 3.59
C SER A 81 -17.52 -19.41 5.03
N SER A 82 -16.29 -19.50 5.54
CA SER A 82 -15.95 -18.88 6.80
C SER A 82 -16.22 -17.39 6.69
N PHE A 83 -16.72 -16.81 7.78
CA PHE A 83 -16.95 -15.36 7.91
C PHE A 83 -18.20 -14.86 7.19
N GLU A 84 -18.78 -15.68 6.34
CA GLU A 84 -19.91 -15.25 5.55
C GLU A 84 -21.14 -14.96 6.40
N CYS A 85 -21.84 -13.86 6.06
CA CYS A 85 -23.12 -13.55 6.66
C CYS A 85 -24.14 -13.27 5.57
N ILE A 86 -25.40 -13.15 5.97
CA ILE A 86 -26.41 -12.46 5.14
C ILE A 86 -27.05 -11.36 5.97
N HIS A 87 -27.76 -10.45 5.30
CA HIS A 87 -28.54 -9.42 6.00
C HIS A 87 -29.69 -10.02 6.81
N LEU A 88 -29.88 -9.49 8.03
CA LEU A 88 -30.97 -9.89 8.91
C LEU A 88 -32.32 -9.59 8.26
N SER A 89 -32.36 -8.54 7.44
CA SER A 89 -33.58 -8.11 6.76
C SER A 89 -34.14 -9.14 5.77
N VAL A 90 -33.27 -9.98 5.21
CA VAL A 90 -33.72 -11.01 4.28
C VAL A 90 -34.65 -12.00 4.96
N LEU A 91 -34.64 -11.98 6.29
CA LEU A 91 -35.48 -12.87 7.07
C LEU A 91 -36.90 -12.32 7.32
N HIS A 92 -37.20 -11.15 6.74
CA HIS A 92 -38.54 -10.57 6.83
C HIS A 92 -39.02 -9.81 5.57
N LYS A 93 -38.09 -9.23 4.83
CA LYS A 93 -38.41 -8.51 3.59
C LYS A 93 -38.98 -9.46 2.51
N CYS A 94 -40.05 -8.99 1.85
CA CYS A 94 -40.66 -9.69 0.70
C CYS A 94 -41.60 -10.86 1.05
N TYR A 95 -41.72 -11.17 2.34
CA TYR A 95 -42.61 -12.25 2.77
C TYR A 95 -44.07 -11.91 2.54
N ASP A 96 -44.89 -12.93 2.30
CA ASP A 96 -46.33 -12.76 2.14
C ASP A 96 -46.98 -12.83 3.51
N TYR A 97 -47.15 -11.67 4.13
CA TYR A 97 -47.58 -11.59 5.53
C TYR A 97 -49.05 -11.95 5.75
N ASP A 98 -49.90 -11.57 4.79
CA ASP A 98 -51.33 -11.87 4.86
C ASP A 98 -51.63 -13.37 4.81
N ALA A 99 -50.61 -14.17 4.49
CA ALA A 99 -50.79 -15.60 4.25
C ALA A 99 -50.15 -16.48 5.33
N ILE A 100 -49.50 -15.85 6.30
CA ILE A 100 -48.92 -16.56 7.44
C ILE A 100 -49.95 -16.65 8.56
N PRO A 101 -50.49 -17.86 8.79
CA PRO A 101 -51.58 -18.11 9.74
C PRO A 101 -51.34 -17.52 11.13
N TRP A 102 -50.27 -17.95 11.81
CA TRP A 102 -50.00 -17.55 13.20
C TRP A 102 -49.79 -16.04 13.38
N LEU A 103 -49.71 -15.31 12.29
CA LEU A 103 -49.53 -13.86 12.34
C LEU A 103 -50.83 -13.08 12.05
N GLN A 104 -51.92 -13.81 11.85
CA GLN A 104 -53.20 -13.21 11.45
C GLN A 104 -53.86 -12.43 12.58
N ASN A 105 -53.59 -12.85 13.82
CA ASN A 105 -54.11 -12.18 15.02
C ASN A 105 -53.25 -10.99 15.47
N VAL A 106 -52.34 -10.56 14.60
CA VAL A 106 -51.38 -9.49 14.90
C VAL A 106 -51.42 -8.42 13.81
N GLU A 107 -51.54 -7.16 14.21
CA GLU A 107 -51.66 -6.04 13.26
C GLU A 107 -50.44 -5.91 12.36
N PRO A 108 -50.69 -5.75 11.04
CA PRO A 108 -49.68 -5.75 9.99
C PRO A 108 -48.36 -5.08 10.37
N ASN A 109 -48.45 -3.88 10.94
CA ASN A 109 -47.29 -3.00 11.16
C ASN A 109 -46.15 -3.58 12.02
N LEU A 110 -46.48 -4.51 12.92
CA LEU A 110 -45.46 -5.13 13.76
C LEU A 110 -45.30 -6.65 13.53
N ARG A 111 -45.75 -7.11 12.37
CA ARG A 111 -45.57 -8.52 11.96
C ARG A 111 -44.12 -8.85 11.63
N PRO A 112 -43.47 -8.02 10.78
CA PRO A 112 -42.10 -8.32 10.35
C PRO A 112 -41.12 -8.56 11.49
N LYS A 113 -41.32 -7.88 12.62
CA LYS A 113 -40.45 -8.02 13.77
C LYS A 113 -40.57 -9.41 14.39
N LEU A 114 -41.79 -9.96 14.34
CA LEU A 114 -42.07 -11.27 14.91
C LEU A 114 -41.49 -12.38 14.04
N LEU A 115 -41.75 -12.31 12.74
CA LEU A 115 -41.17 -13.23 11.79
C LEU A 115 -39.65 -13.29 11.93
N LEU A 116 -39.03 -12.12 12.02
CA LEU A 116 -37.58 -12.02 12.23
C LEU A 116 -37.19 -12.77 13.49
N LYS A 117 -37.92 -12.50 14.57
CA LYS A 117 -37.67 -13.09 15.86
C LYS A 117 -37.83 -14.61 15.81
N HIS A 118 -38.82 -15.07 15.04
CA HIS A 118 -39.15 -16.49 14.96
C HIS A 118 -38.28 -17.25 13.96
N ASN A 119 -37.99 -16.62 12.82
CA ASN A 119 -37.06 -17.20 11.85
C ASN A 119 -35.69 -17.40 12.48
N LEU A 120 -35.23 -16.41 13.23
CA LEU A 120 -33.96 -16.53 13.92
C LEU A 120 -33.96 -17.73 14.87
N PHE A 121 -35.06 -17.94 15.57
CA PHE A 121 -35.17 -19.08 16.48
C PHE A 121 -34.96 -20.39 15.75
N LEU A 122 -35.69 -20.58 14.65
CA LEU A 122 -35.60 -21.82 13.86
C LEU A 122 -34.18 -22.01 13.36
N LEU A 123 -33.59 -20.92 12.86
CA LEU A 123 -32.23 -20.93 12.36
C LEU A 123 -31.22 -21.31 13.45
N ASP A 124 -31.32 -20.70 14.62
CA ASP A 124 -30.36 -20.90 15.71
C ASP A 124 -30.57 -22.20 16.49
N ASN A 125 -31.81 -22.67 16.54
CA ASN A 125 -32.16 -23.76 17.45
C ASN A 125 -32.43 -25.08 16.77
N ILE A 126 -32.64 -25.05 15.46
CA ILE A 126 -33.04 -26.23 14.72
C ILE A 126 -32.21 -26.43 13.47
N VAL A 127 -32.11 -25.40 12.64
CA VAL A 127 -31.41 -25.50 11.36
C VAL A 127 -29.92 -25.75 11.57
N LYS A 128 -29.29 -24.91 12.38
CA LYS A 128 -27.88 -25.06 12.63
C LYS A 128 -27.55 -26.31 13.46
N PRO A 129 -28.25 -26.54 14.58
CA PRO A 129 -28.04 -27.77 15.36
C PRO A 129 -28.27 -29.08 14.58
N ILE A 130 -29.25 -29.11 13.66
CA ILE A 130 -29.43 -30.33 12.87
C ILE A 130 -28.22 -30.63 11.98
N ILE A 131 -27.67 -29.59 11.35
CA ILE A 131 -26.50 -29.75 10.50
C ILE A 131 -25.32 -30.25 11.34
N ALA A 132 -25.06 -29.60 12.47
CA ALA A 132 -23.94 -30.00 13.33
C ALA A 132 -24.18 -31.37 13.98
N PHE A 133 -25.45 -31.78 14.02
CA PHE A 133 -25.79 -33.11 14.53
C PHE A 133 -25.35 -34.19 13.55
N TYR A 134 -25.58 -33.95 12.26
CA TYR A 134 -25.25 -34.94 11.23
C TYR A 134 -23.91 -34.68 10.55
N TYR A 135 -23.37 -33.47 10.69
CA TYR A 135 -22.13 -33.10 9.98
C TYR A 135 -21.11 -32.41 10.86
N LYS A 136 -19.85 -32.57 10.48
CA LYS A 136 -18.74 -31.87 11.09
C LYS A 136 -18.16 -30.89 10.09
N PRO A 137 -18.30 -29.58 10.37
CA PRO A 137 -17.71 -28.56 9.52
C PRO A 137 -16.18 -28.54 9.62
N ILE A 138 -15.52 -28.62 8.47
CA ILE A 138 -14.07 -28.60 8.42
C ILE A 138 -13.57 -27.44 7.57
N LYS A 139 -12.68 -26.63 8.14
CA LYS A 139 -11.95 -25.62 7.40
C LYS A 139 -10.84 -26.28 6.59
N THR A 140 -10.97 -26.23 5.27
CA THR A 140 -10.01 -26.89 4.38
C THR A 140 -8.73 -26.08 4.25
N LEU A 141 -8.79 -24.81 4.69
CA LEU A 141 -7.62 -23.91 4.67
C LEU A 141 -7.30 -23.37 3.28
N ASN A 142 -7.80 -24.01 2.24
CA ASN A 142 -7.76 -23.44 0.90
C ASN A 142 -8.77 -22.30 0.83
N GLY A 143 -8.31 -21.10 1.17
CA GLY A 143 -9.20 -19.98 1.36
C GLY A 143 -10.12 -20.16 2.55
N HIS A 144 -11.36 -19.69 2.39
CA HIS A 144 -12.35 -19.75 3.46
C HIS A 144 -13.31 -20.91 3.22
N GLU A 145 -12.83 -21.94 2.52
CA GLU A 145 -13.66 -23.08 2.15
C GLU A 145 -14.01 -23.93 3.37
N ILE A 146 -15.31 -24.05 3.62
CA ILE A 146 -15.80 -25.00 4.61
C ILE A 146 -16.34 -26.23 3.91
N LYS A 147 -15.87 -27.40 4.35
CA LYS A 147 -16.36 -28.68 3.84
C LYS A 147 -17.13 -29.40 4.94
N PHE A 148 -18.33 -29.88 4.61
CA PHE A 148 -19.14 -30.59 5.59
C PHE A 148 -18.98 -32.10 5.44
N ILE A 149 -18.44 -32.73 6.48
CA ILE A 149 -18.20 -34.17 6.47
C ILE A 149 -19.17 -34.87 7.41
N ARG A 150 -19.72 -36.00 6.96
CA ARG A 150 -20.64 -36.82 7.77
C ARG A 150 -20.00 -37.16 9.11
N LYS A 151 -20.70 -36.80 10.19
CA LYS A 151 -20.17 -36.93 11.56
C LYS A 151 -19.72 -38.36 11.88
N GLU A 152 -20.43 -39.35 11.33
CA GLU A 152 -20.08 -40.76 11.51
C GLU A 152 -18.76 -41.09 10.83
N GLU A 153 -18.57 -40.59 9.61
CA GLU A 153 -17.33 -40.79 8.86
C GLU A 153 -16.14 -40.06 9.50
N TYR A 154 -16.41 -38.92 10.12
CA TYR A 154 -15.36 -38.17 10.80
C TYR A 154 -14.85 -38.90 12.04
N ILE A 155 -15.76 -39.36 12.88
CA ILE A 155 -15.40 -40.12 14.09
C ILE A 155 -14.63 -41.38 13.72
N SER A 156 -15.11 -42.06 12.68
CA SER A 156 -14.42 -43.23 12.13
C SER A 156 -12.98 -42.88 11.77
N PHE A 157 -12.80 -41.82 11.01
CA PHE A 157 -11.48 -41.31 10.62
C PHE A 157 -10.65 -40.82 11.81
N GLU A 158 -11.31 -40.10 12.73
CA GLU A 158 -10.63 -39.52 13.90
C GLU A 158 -10.11 -40.60 14.82
N SER A 159 -10.83 -41.71 14.92
CA SER A 159 -10.41 -42.83 15.75
C SER A 159 -9.24 -43.58 15.12
N LYS A 160 -9.30 -43.75 13.80
CA LYS A 160 -8.25 -44.44 13.06
C LYS A 160 -6.90 -43.75 13.24
N VAL A 161 -6.92 -42.42 13.31
CA VAL A 161 -5.71 -41.62 13.53
C VAL A 161 -5.29 -41.65 15.00
N PHE A 162 -6.29 -41.60 15.89
CA PHE A 162 -6.04 -41.65 17.34
C PHE A 162 -5.34 -42.94 17.76
N HIS A 163 -5.87 -44.08 17.31
CA HIS A 163 -5.32 -45.40 17.64
C HIS A 163 -3.94 -45.60 17.00
N LYS A 164 -3.67 -44.87 15.92
CA LYS A 164 -2.38 -44.93 15.23
C LYS A 164 -1.32 -44.08 15.93
N LEU A 165 -1.70 -42.86 16.34
CA LEU A 165 -0.82 -41.98 17.12
C LEU A 165 -0.43 -42.64 18.43
N LYS A 166 -1.39 -43.31 19.06
CA LYS A 166 -1.18 -44.04 20.29
C LYS A 166 -0.25 -45.23 20.05
N LYS A 167 -0.56 -46.02 19.02
CA LYS A 167 0.21 -47.22 18.69
C LYS A 167 1.68 -46.92 18.44
N MET A 168 1.97 -45.78 17.82
CA MET A 168 3.34 -45.40 17.52
C MET A 168 4.09 -44.96 18.78
N LYS A 169 4.05 -43.67 19.09
CA LYS A 169 4.64 -43.16 20.32
C LYS A 169 4.21 -41.72 20.60
N TYR A 170 3.61 -41.09 19.59
CA TYR A 170 3.29 -39.66 19.64
C TYR A 170 2.26 -39.31 20.72
N LEU A 171 1.46 -40.29 21.11
CA LEU A 171 0.41 -40.06 22.09
C LEU A 171 0.46 -41.14 23.18
N VAL A 172 0.80 -40.71 24.40
CA VAL A 172 0.81 -41.61 25.56
C VAL A 172 0.03 -40.98 26.72
N GLU A 173 -0.95 -41.74 27.23
CA GLU A 173 -1.82 -41.25 28.30
C GLU A 173 -1.05 -41.07 29.61
N VAL A 174 -1.52 -40.17 30.45
CA VAL A 174 -0.97 -40.00 31.79
C VAL A 174 -2.08 -39.94 32.85
N GLN A 175 -2.40 -41.12 33.39
CA GLN A 175 -3.25 -41.29 34.58
C GLN A 175 -4.40 -40.27 34.74
N ASP A 176 -4.06 -39.10 35.26
CA ASP A 176 -5.04 -38.16 35.80
C ASP A 176 -5.39 -37.03 34.82
N GLU A 177 -6.46 -36.30 35.14
CA GLU A 177 -6.91 -35.15 34.37
C GLU A 177 -6.67 -33.85 35.12
N VAL A 178 -7.22 -32.71 34.68
CA VAL A 178 -7.21 -31.42 35.34
C VAL A 178 -5.84 -30.75 35.24
N LYS A 179 -5.19 -30.80 34.10
CA LYS A 179 -3.93 -30.08 33.82
C LYS A 179 -3.59 -30.02 32.33
N PRO A 180 -4.61 -29.81 31.47
CA PRO A 180 -4.38 -29.91 30.03
C PRO A 180 -3.59 -28.73 29.47
N ARG A 181 -4.06 -27.51 29.74
CA ARG A 181 -3.48 -26.28 29.15
C ARG A 181 -3.63 -26.22 27.63
N GLY A 182 -4.32 -27.21 27.06
CA GLY A 182 -4.59 -27.30 25.62
C GLY A 182 -5.33 -28.56 25.23
N VAL A 183 -6.21 -28.46 24.24
CA VAL A 183 -7.00 -29.60 23.77
C VAL A 183 -6.61 -30.02 22.35
N LEU A 184 -6.26 -31.31 22.20
CA LEU A 184 -5.81 -31.85 20.92
C LEU A 184 -6.97 -32.01 19.94
N ASN A 185 -6.71 -31.70 18.68
CA ASN A 185 -7.73 -31.81 17.64
C ASN A 185 -7.16 -32.39 16.36
N ILE A 186 -7.74 -33.49 15.89
CA ILE A 186 -7.33 -34.12 14.64
C ILE A 186 -8.04 -33.43 13.48
N ILE A 187 -7.27 -32.92 12.54
CA ILE A 187 -7.81 -32.24 11.37
C ILE A 187 -7.55 -33.08 10.12
N PRO A 188 -8.60 -33.37 9.34
CA PRO A 188 -8.46 -34.09 8.09
C PRO A 188 -7.69 -33.31 7.04
N LYS A 189 -6.57 -33.87 6.59
CA LYS A 189 -5.79 -33.32 5.48
C LYS A 189 -6.00 -34.20 4.26
N GLN A 190 -5.81 -33.63 3.07
CA GLN A 190 -5.94 -34.38 1.82
C GLN A 190 -5.06 -35.63 1.84
N ASP A 191 -5.70 -36.80 1.86
CA ASP A 191 -5.01 -38.10 1.91
C ASP A 191 -4.35 -38.40 3.26
N ASN A 192 -4.30 -37.40 4.13
CA ASN A 192 -3.64 -37.54 5.44
C ASN A 192 -4.37 -36.86 6.59
N PHE A 193 -3.60 -36.37 7.56
CA PHE A 193 -4.15 -35.70 8.74
C PHE A 193 -3.17 -34.65 9.28
N ARG A 194 -3.61 -33.92 10.31
CA ARG A 194 -2.78 -32.92 10.97
C ARG A 194 -3.20 -32.81 12.43
N ALA A 195 -2.26 -33.01 13.34
CA ALA A 195 -2.53 -32.92 14.77
C ALA A 195 -2.16 -31.54 15.31
N ILE A 196 -3.18 -30.74 15.62
CA ILE A 196 -2.99 -29.41 16.18
C ILE A 196 -3.63 -29.30 17.56
N VAL A 197 -3.39 -28.18 18.24
CA VAL A 197 -3.99 -27.93 19.55
C VAL A 197 -4.59 -26.53 19.69
N SER A 198 -5.70 -26.44 20.43
CA SER A 198 -6.28 -25.17 20.80
C SER A 198 -5.83 -24.78 22.20
N ILE A 199 -5.89 -23.48 22.51
CA ILE A 199 -5.42 -22.97 23.79
C ILE A 199 -6.39 -23.31 24.92
N PHE A 200 -7.19 -22.33 25.36
CA PHE A 200 -8.23 -22.55 26.38
C PHE A 200 -9.36 -21.51 26.40
N PRO A 201 -9.03 -20.21 26.17
CA PRO A 201 -7.70 -19.63 25.99
C PRO A 201 -7.16 -19.01 27.28
N ASP A 202 -6.45 -17.89 27.13
CA ASP A 202 -5.78 -17.18 28.24
C ASP A 202 -4.83 -18.09 29.02
N SER A 203 -3.84 -18.63 28.33
CA SER A 203 -2.72 -19.33 28.97
C SER A 203 -1.58 -18.34 29.21
N ALA A 204 -1.29 -18.10 30.50
CA ALA A 204 -0.20 -17.20 30.93
C ALA A 204 -0.30 -15.77 30.38
N ARG A 205 -1.36 -15.51 29.59
CA ARG A 205 -1.51 -14.27 28.82
C ARG A 205 -0.59 -14.22 27.61
N LYS A 206 -1.18 -13.97 26.44
CA LYS A 206 -0.45 -13.93 25.18
C LYS A 206 0.54 -12.75 25.06
N PRO A 207 0.26 -11.62 25.74
CA PRO A 207 1.30 -10.59 25.93
C PRO A 207 2.58 -11.15 26.55
N PHE A 208 2.46 -12.31 27.20
CA PHE A 208 3.60 -13.00 27.80
C PHE A 208 4.35 -13.85 26.77
N PHE A 209 3.60 -14.47 25.85
CA PHE A 209 4.20 -15.26 24.77
C PHE A 209 4.67 -14.37 23.62
N LYS A 210 3.95 -13.27 23.39
CA LYS A 210 4.24 -12.37 22.27
C LYS A 210 5.55 -11.61 22.46
N LEU A 211 5.78 -11.12 23.68
CA LEU A 211 7.05 -10.46 24.02
C LEU A 211 8.15 -11.49 24.21
N LEU A 212 7.76 -12.73 24.53
CA LEU A 212 8.68 -13.85 24.64
C LEU A 212 9.20 -14.26 23.26
N THR A 213 8.26 -14.52 22.35
CA THR A 213 8.60 -14.94 20.98
C THR A 213 9.30 -13.84 20.19
N SER A 214 9.05 -12.59 20.58
CA SER A 214 9.67 -11.44 19.93
C SER A 214 11.19 -11.42 20.13
N LYS A 215 11.62 -11.77 21.34
CA LYS A 215 13.04 -11.83 21.67
C LYS A 215 13.73 -13.01 21.01
N ILE A 216 12.95 -14.05 20.70
CA ILE A 216 13.47 -15.23 20.00
C ILE A 216 13.75 -14.94 18.52
N TYR A 217 12.89 -14.14 17.89
CA TYR A 217 13.10 -13.70 16.51
C TYR A 217 14.35 -12.82 16.39
N LYS A 218 14.68 -12.11 17.46
CA LYS A 218 15.92 -11.36 17.54
C LYS A 218 17.12 -12.31 17.53
N VAL A 219 17.09 -13.29 18.44
CA VAL A 219 18.10 -14.33 18.51
C VAL A 219 18.38 -14.95 17.13
N LEU A 220 17.32 -15.16 16.36
CA LEU A 220 17.44 -15.73 15.01
C LEU A 220 18.09 -14.74 14.04
N GLU A 221 17.69 -13.48 14.11
CA GLU A 221 18.16 -12.48 13.16
C GLU A 221 19.47 -11.80 13.58
N GLU A 222 19.99 -12.19 14.73
CA GLU A 222 21.27 -11.67 15.25
C GLU A 222 22.37 -12.72 15.19
N LYS A 223 22.08 -13.91 15.72
CA LYS A 223 23.07 -14.98 15.84
C LYS A 223 23.12 -15.86 14.58
N TYR A 224 22.10 -15.74 13.73
CA TYR A 224 22.06 -16.46 12.46
C TYR A 224 22.01 -15.50 11.28
N LYS A 225 22.59 -15.93 10.15
CA LYS A 225 22.62 -15.11 8.94
C LYS A 225 21.22 -14.93 8.36
N THR A 226 20.96 -13.72 7.86
CA THR A 226 19.69 -13.40 7.20
C THR A 226 19.66 -14.03 5.80
N SER A 227 18.60 -14.80 5.54
CA SER A 227 18.40 -15.43 4.23
C SER A 227 18.18 -14.39 3.11
N GLY A 228 17.61 -13.24 3.46
CA GLY A 228 17.41 -12.15 2.51
C GLY A 228 16.14 -12.31 1.69
N SER A 229 15.80 -11.26 0.94
CA SER A 229 14.60 -11.24 0.12
C SER A 229 14.68 -12.26 -1.02
N LEU A 230 13.61 -13.06 -1.16
CA LEU A 230 13.49 -14.03 -2.26
C LEU A 230 13.70 -13.35 -3.60
N TYR A 231 13.06 -12.18 -3.77
CA TYR A 231 13.19 -11.39 -4.99
C TYR A 231 14.64 -11.04 -5.29
N THR A 232 15.33 -10.48 -4.30
CA THR A 232 16.73 -10.10 -4.47
C THR A 232 17.58 -11.30 -4.88
N CYS A 233 17.35 -12.43 -4.22
CA CYS A 233 18.06 -13.68 -4.51
C CYS A 233 17.89 -14.12 -5.97
N TRP A 234 16.65 -14.19 -6.43
CA TRP A 234 16.36 -14.60 -7.80
C TRP A 234 16.87 -13.60 -8.81
N SER A 235 16.74 -12.32 -8.49
CA SER A 235 17.21 -11.26 -9.36
C SER A 235 18.73 -11.38 -9.59
N GLU A 236 19.48 -11.40 -8.50
CA GLU A 236 20.95 -11.44 -8.58
C GLU A 236 21.46 -12.71 -9.23
N PHE A 237 20.79 -13.83 -8.96
CA PHE A 237 21.19 -15.13 -9.49
C PHE A 237 21.03 -15.23 -11.00
N THR A 238 19.84 -14.88 -11.51
CA THR A 238 19.57 -15.03 -12.94
C THR A 238 20.44 -14.11 -13.79
N GLN A 239 20.76 -12.93 -13.27
CA GLN A 239 21.56 -11.94 -14.00
C GLN A 239 23.04 -12.35 -14.12
N LYS A 240 23.59 -12.98 -13.08
CA LYS A 240 24.97 -13.45 -13.14
C LYS A 240 25.12 -14.80 -13.84
N THR A 241 24.06 -15.60 -13.85
CA THR A 241 24.07 -16.88 -14.55
C THR A 241 23.65 -16.67 -16.00
N GLN A 242 24.43 -17.24 -16.93
CA GLN A 242 24.17 -17.08 -18.36
C GLN A 242 23.83 -18.41 -18.99
N GLY A 243 24.28 -19.49 -18.36
CA GLY A 243 24.03 -20.85 -18.86
C GLY A 243 22.73 -21.43 -18.31
N GLN A 244 22.38 -22.62 -18.79
CA GLN A 244 21.16 -23.31 -18.34
C GLN A 244 21.18 -23.53 -16.83
N ILE A 245 20.22 -22.91 -16.15
CA ILE A 245 20.04 -23.08 -14.72
C ILE A 245 19.44 -24.46 -14.44
N TYR A 246 19.95 -25.12 -13.40
CA TYR A 246 19.33 -26.32 -12.87
C TYR A 246 18.89 -26.03 -11.45
N GLY A 247 17.80 -26.66 -11.02
CA GLY A 247 17.24 -26.37 -9.71
C GLY A 247 16.31 -27.43 -9.16
N ILE A 248 16.12 -27.39 -7.85
CA ILE A 248 15.33 -28.38 -7.13
C ILE A 248 14.46 -27.75 -6.04
N LYS A 249 13.21 -28.18 -5.98
CA LYS A 249 12.36 -27.89 -4.84
C LYS A 249 12.11 -29.17 -4.07
N VAL A 250 12.23 -29.10 -2.74
CA VAL A 250 11.98 -30.24 -1.87
C VAL A 250 11.01 -29.85 -0.76
N ASP A 251 9.93 -30.62 -0.61
CA ASP A 251 8.96 -30.39 0.45
C ASP A 251 9.37 -31.19 1.68
N ILE A 252 9.43 -30.53 2.83
CA ILE A 252 9.80 -31.20 4.08
C ILE A 252 8.56 -31.74 4.79
N ARG A 253 8.56 -33.05 5.02
CA ARG A 253 7.48 -33.72 5.74
C ARG A 253 7.56 -33.41 7.23
N ASP A 254 6.45 -32.93 7.78
CA ASP A 254 6.30 -32.65 9.21
C ASP A 254 7.56 -32.07 9.84
N ALA A 255 7.86 -30.81 9.51
CA ALA A 255 9.02 -30.13 10.08
C ALA A 255 8.86 -29.91 11.57
N TYR A 256 7.62 -29.64 11.99
CA TYR A 256 7.29 -29.51 13.41
C TYR A 256 7.47 -30.84 14.13
N GLY A 257 6.92 -31.91 13.55
CA GLY A 257 6.93 -33.23 14.17
C GLY A 257 8.27 -33.92 14.21
N ASN A 258 9.11 -33.67 13.20
CA ASN A 258 10.42 -34.29 13.13
C ASN A 258 11.54 -33.45 13.77
N VAL A 259 11.15 -32.54 14.66
CA VAL A 259 12.12 -31.82 15.48
C VAL A 259 12.67 -32.74 16.57
N LYS A 260 14.00 -32.80 16.67
CA LYS A 260 14.64 -33.48 17.79
C LYS A 260 14.47 -32.64 19.05
N ILE A 261 13.57 -33.10 19.93
CA ILE A 261 13.27 -32.39 21.17
C ILE A 261 14.51 -32.17 22.05
N PRO A 262 15.31 -33.23 22.31
CA PRO A 262 16.48 -33.06 23.17
C PRO A 262 17.53 -32.10 22.59
N VAL A 263 17.68 -32.08 21.26
CA VAL A 263 18.68 -31.24 20.61
C VAL A 263 18.33 -29.75 20.67
N LEU A 264 17.07 -29.42 20.39
CA LEU A 264 16.60 -28.03 20.45
C LEU A 264 16.76 -27.46 21.85
N CYS A 265 16.57 -28.28 22.87
CA CYS A 265 16.78 -27.88 24.26
C CYS A 265 18.17 -27.30 24.46
N LYS A 266 19.18 -28.05 24.04
CA LYS A 266 20.58 -27.63 24.18
C LYS A 266 20.81 -26.26 23.55
N LEU A 267 20.09 -25.99 22.46
CA LEU A 267 20.22 -24.74 21.73
C LEU A 267 19.60 -23.58 22.50
N ILE A 268 18.38 -23.78 22.99
CA ILE A 268 17.64 -22.71 23.67
C ILE A 268 18.44 -22.12 24.83
N GLN A 269 19.01 -22.99 25.66
CA GLN A 269 19.82 -22.55 26.80
C GLN A 269 21.16 -21.95 26.36
N SER A 270 21.67 -22.42 25.22
CA SER A 270 22.98 -21.98 24.72
C SER A 270 23.00 -20.58 24.13
N ILE A 271 21.82 -20.01 23.90
CA ILE A 271 21.73 -18.64 23.39
C ILE A 271 22.23 -17.65 24.45
N PRO A 272 22.96 -16.61 24.02
CA PRO A 272 23.59 -15.62 24.90
C PRO A 272 22.71 -15.19 26.07
N THR A 273 23.30 -15.11 27.26
CA THR A 273 22.58 -14.78 28.49
C THR A 273 21.95 -13.39 28.46
N HIS A 274 22.59 -12.46 27.76
CA HIS A 274 22.07 -11.09 27.65
C HIS A 274 20.86 -10.99 26.70
N LEU A 275 20.26 -12.12 26.37
CA LEU A 275 19.09 -12.16 25.49
C LEU A 275 17.92 -12.94 26.07
N LEU A 276 18.21 -13.90 26.95
CA LEU A 276 17.17 -14.73 27.56
C LEU A 276 17.58 -15.27 28.94
N ASP A 277 18.80 -15.81 29.01
CA ASP A 277 19.38 -16.39 30.25
C ASP A 277 18.44 -17.21 31.14
N SER A 278 18.77 -17.25 32.43
CA SER A 278 18.05 -18.02 33.44
C SER A 278 16.54 -17.77 33.45
N GLU A 279 16.15 -16.51 33.23
CA GLU A 279 14.75 -16.11 33.28
C GLU A 279 13.86 -17.10 32.56
N LYS A 280 14.17 -17.33 31.28
CA LYS A 280 13.34 -18.16 30.42
C LYS A 280 14.10 -19.40 29.93
N LYS A 281 15.20 -19.71 30.61
CA LYS A 281 15.98 -20.92 30.34
C LYS A 281 15.08 -22.15 30.30
N ASN A 282 14.75 -22.67 31.48
CA ASN A 282 13.95 -23.88 31.60
C ASN A 282 12.50 -23.68 31.18
N PHE A 283 12.02 -22.43 31.25
CA PHE A 283 10.65 -22.11 30.89
C PHE A 283 10.26 -22.71 29.54
N ILE A 284 11.04 -22.40 28.51
CA ILE A 284 10.80 -22.95 27.18
C ILE A 284 11.17 -24.43 27.14
N VAL A 285 12.28 -24.78 27.79
CA VAL A 285 12.82 -26.15 27.77
C VAL A 285 11.81 -27.19 28.22
N ASP A 286 11.27 -27.03 29.43
CA ASP A 286 10.30 -27.99 29.97
C ASP A 286 8.98 -27.95 29.19
N HIS A 287 8.68 -26.81 28.61
CA HIS A 287 7.45 -26.64 27.84
C HIS A 287 7.48 -27.44 26.54
N ILE A 288 8.68 -27.71 26.04
CA ILE A 288 8.87 -28.49 24.82
C ILE A 288 8.88 -29.99 25.14
N SER A 289 9.39 -30.33 26.32
CA SER A 289 9.44 -31.71 26.77
C SER A 289 8.11 -32.16 27.39
N ASN A 290 7.44 -31.23 28.07
CA ASN A 290 6.15 -31.50 28.68
C ASN A 290 5.02 -30.93 27.84
N GLN A 291 4.63 -31.67 26.82
CA GLN A 291 3.53 -31.28 25.96
C GLN A 291 2.24 -31.95 26.42
N PHE A 292 1.56 -31.30 27.37
CA PHE A 292 0.35 -31.83 27.97
C PHE A 292 -0.90 -31.42 27.18
N VAL A 293 -1.68 -32.41 26.75
CA VAL A 293 -2.91 -32.15 25.98
C VAL A 293 -4.08 -33.05 26.39
N ALA A 294 -5.29 -32.51 26.30
CA ALA A 294 -6.52 -33.27 26.59
C ALA A 294 -7.20 -33.74 25.31
N PHE A 295 -7.91 -34.85 25.39
CA PHE A 295 -8.65 -35.38 24.25
C PHE A 295 -10.09 -35.80 24.62
N ARG A 296 -10.31 -37.11 24.74
CA ARG A 296 -11.62 -37.64 25.12
C ARG A 296 -11.64 -37.96 26.61
N ARG A 297 -11.78 -36.91 27.41
CA ARG A 297 -11.83 -37.00 28.88
C ARG A 297 -10.50 -37.41 29.52
N LYS A 298 -9.51 -37.70 28.68
CA LYS A 298 -8.19 -38.13 29.14
C LYS A 298 -7.09 -37.17 28.70
N ILE A 299 -5.98 -37.17 29.43
CA ILE A 299 -4.83 -36.31 29.12
C ILE A 299 -3.65 -37.13 28.58
N TYR A 300 -3.10 -36.69 27.44
CA TYR A 300 -1.99 -37.38 26.80
C TYR A 300 -0.74 -36.49 26.71
N LYS A 301 0.42 -37.13 26.57
CA LYS A 301 1.67 -36.42 26.35
C LYS A 301 2.06 -36.44 24.87
N TRP A 302 2.49 -35.29 24.36
CA TRP A 302 2.98 -35.20 23.00
C TRP A 302 4.49 -35.18 23.00
N ASN A 303 5.09 -36.09 22.26
CA ASN A 303 6.54 -36.20 22.19
C ASN A 303 7.04 -36.22 20.75
N HIS A 304 6.17 -35.84 19.83
CA HIS A 304 6.54 -35.73 18.43
C HIS A 304 6.97 -34.31 18.11
N GLY A 305 8.14 -33.94 18.63
CA GLY A 305 8.69 -32.60 18.44
C GLY A 305 7.76 -31.52 18.95
N LEU A 306 7.83 -30.36 18.32
CA LEU A 306 6.93 -29.25 18.64
C LEU A 306 5.54 -29.58 18.12
N LEU A 307 4.54 -29.38 18.97
CA LEU A 307 3.15 -29.57 18.59
C LEU A 307 2.65 -28.32 17.89
N GLN A 308 2.07 -28.50 16.70
CA GLN A 308 1.44 -27.39 15.99
C GLN A 308 0.28 -26.84 16.81
N GLY A 309 0.29 -25.52 17.02
CA GLY A 309 -0.75 -24.86 17.83
C GLY A 309 -0.21 -24.03 18.97
N ASP A 310 0.87 -24.51 19.60
CA ASP A 310 1.57 -23.77 20.66
C ASP A 310 2.07 -22.44 20.09
N PRO A 311 1.78 -21.33 20.81
CA PRO A 311 2.10 -19.99 20.31
C PRO A 311 3.61 -19.74 20.14
N LEU A 312 4.42 -20.76 20.43
CA LEU A 312 5.87 -20.65 20.34
C LEU A 312 6.49 -21.61 19.31
N SER A 313 5.73 -22.64 18.92
CA SER A 313 6.23 -23.65 18.00
C SER A 313 6.74 -23.04 16.70
N GLY A 314 6.01 -22.06 16.19
CA GLY A 314 6.37 -21.37 14.95
C GLY A 314 7.79 -20.83 14.98
N CYS A 315 8.09 -20.03 15.99
CA CYS A 315 9.40 -19.36 16.09
C CYS A 315 10.51 -20.33 16.50
N LEU A 316 10.16 -21.30 17.35
CA LEU A 316 11.13 -22.28 17.80
C LEU A 316 11.54 -23.22 16.67
N CYS A 317 10.59 -23.56 15.81
CA CYS A 317 10.88 -24.36 14.61
C CYS A 317 11.82 -23.60 13.67
N GLU A 318 11.54 -22.31 13.48
CA GLU A 318 12.42 -21.45 12.68
C GLU A 318 13.82 -21.39 13.28
N LEU A 319 13.86 -21.26 14.60
CA LEU A 319 15.11 -21.24 15.36
C LEU A 319 15.85 -22.56 15.19
N TYR A 320 15.09 -23.66 15.21
CA TYR A 320 15.66 -24.99 15.06
C TYR A 320 16.19 -25.25 13.65
N MET A 321 15.38 -24.91 12.64
CA MET A 321 15.73 -25.14 11.24
C MET A 321 16.95 -24.33 10.83
N ALA A 322 17.07 -23.12 11.37
CA ALA A 322 18.23 -22.27 11.13
C ALA A 322 19.51 -22.93 11.64
N PHE A 323 19.41 -23.64 12.77
CA PHE A 323 20.54 -24.34 13.35
C PHE A 323 20.97 -25.52 12.49
N MET A 324 19.99 -26.24 11.93
CA MET A 324 20.28 -27.37 11.07
C MET A 324 20.79 -26.93 9.70
N ASP A 325 20.58 -25.65 9.39
CA ASP A 325 21.11 -25.04 8.18
C ASP A 325 22.63 -24.88 8.25
N ARG A 326 23.14 -24.44 9.40
CA ARG A 326 24.58 -24.34 9.64
C ARG A 326 25.20 -25.72 9.81
N LEU A 327 24.45 -26.62 10.42
CA LEU A 327 24.95 -27.94 10.81
C LEU A 327 25.23 -28.84 9.62
N TYR A 328 24.29 -28.89 8.67
CA TYR A 328 24.35 -29.84 7.56
C TYR A 328 24.47 -29.20 6.17
N PHE A 329 24.28 -27.89 6.08
CA PHE A 329 24.41 -27.19 4.80
C PHE A 329 25.62 -26.24 4.80
N SER A 330 26.80 -26.81 5.00
CA SER A 330 28.03 -26.02 5.15
C SER A 330 28.80 -25.87 3.84
N ASN A 331 28.72 -26.89 2.98
CA ASN A 331 29.39 -26.86 1.68
C ASN A 331 28.73 -25.82 0.77
N LEU A 332 27.78 -26.27 -0.05
CA LEU A 332 26.96 -25.38 -0.90
C LEU A 332 27.73 -24.28 -1.64
N ASP A 333 27.79 -24.39 -2.96
CA ASP A 333 28.35 -23.32 -3.79
C ASP A 333 27.75 -21.97 -3.37
N LYS A 334 28.60 -21.05 -2.97
CA LYS A 334 28.14 -19.75 -2.49
C LYS A 334 27.63 -18.88 -3.63
N ASP A 335 28.03 -19.22 -4.86
CA ASP A 335 27.50 -18.58 -6.07
C ASP A 335 26.11 -19.09 -6.44
N ALA A 336 25.74 -20.24 -5.86
CA ALA A 336 24.46 -20.87 -6.15
C ALA A 336 23.30 -20.09 -5.55
N PHE A 337 22.10 -20.35 -6.08
CA PHE A 337 20.87 -19.83 -5.49
C PHE A 337 20.37 -20.79 -4.41
N ILE A 338 20.13 -20.25 -3.22
CA ILE A 338 19.56 -21.04 -2.13
C ILE A 338 18.54 -20.21 -1.36
N HIS A 339 17.30 -20.71 -1.32
CA HIS A 339 16.26 -20.09 -0.49
C HIS A 339 15.43 -21.19 0.18
N ARG A 340 15.02 -20.94 1.42
CA ARG A 340 14.21 -21.89 2.15
C ARG A 340 13.19 -21.22 3.08
N THR A 341 12.15 -21.96 3.44
CA THR A 341 11.16 -21.50 4.40
C THR A 341 11.04 -22.48 5.56
N VAL A 342 9.92 -22.39 6.28
CA VAL A 342 9.60 -23.35 7.33
C VAL A 342 9.51 -24.77 6.73
N ASP A 343 8.93 -24.86 5.54
CA ASP A 343 8.55 -26.15 4.95
C ASP A 343 9.34 -26.53 3.69
N ASP A 344 9.90 -25.53 2.99
CA ASP A 344 10.46 -25.76 1.66
C ASP A 344 11.90 -25.33 1.57
N TYR A 345 12.67 -26.06 0.76
CA TYR A 345 14.00 -25.62 0.33
C TYR A 345 14.01 -25.50 -1.20
N PHE A 346 14.61 -24.43 -1.69
CA PHE A 346 14.70 -24.18 -3.13
C PHE A 346 16.15 -23.86 -3.49
N PHE A 347 16.75 -24.70 -4.32
CA PHE A 347 18.17 -24.62 -4.63
C PHE A 347 18.44 -24.67 -6.13
N CYS A 348 19.28 -23.75 -6.61
CA CYS A 348 19.62 -23.67 -8.03
C CYS A 348 21.12 -23.44 -8.26
N SER A 349 21.60 -23.88 -9.43
CA SER A 349 23.00 -23.74 -9.84
C SER A 349 23.13 -24.04 -11.34
N PRO A 350 24.06 -23.35 -12.03
CA PRO A 350 24.35 -23.70 -13.44
C PRO A 350 25.11 -25.03 -13.55
N HIS A 351 25.78 -25.44 -12.47
CA HIS A 351 26.42 -26.75 -12.40
C HIS A 351 25.44 -27.79 -11.87
N PRO A 352 24.93 -28.68 -12.76
CA PRO A 352 23.92 -29.67 -12.40
C PRO A 352 24.32 -30.60 -11.27
N HIS A 353 25.61 -30.98 -11.19
CA HIS A 353 26.07 -31.94 -10.19
C HIS A 353 25.83 -31.47 -8.75
N LYS A 354 25.86 -30.15 -8.54
CA LYS A 354 25.60 -29.57 -7.22
C LYS A 354 24.11 -29.66 -6.83
N VAL A 355 23.25 -29.80 -7.82
CA VAL A 355 21.82 -29.99 -7.57
C VAL A 355 21.55 -31.42 -7.07
N TYR A 356 22.16 -32.42 -7.72
CA TYR A 356 22.03 -33.82 -7.28
C TYR A 356 22.46 -33.97 -5.83
N ASP A 357 23.63 -33.42 -5.52
CA ASP A 357 24.19 -33.48 -4.18
C ASP A 357 23.25 -32.86 -3.14
N PHE A 358 22.58 -31.78 -3.52
CA PHE A 358 21.60 -31.13 -2.65
C PHE A 358 20.42 -32.04 -2.34
N GLU A 359 19.88 -32.69 -3.37
CA GLU A 359 18.79 -33.65 -3.22
C GLU A 359 19.18 -34.76 -2.23
N LEU A 360 20.36 -35.34 -2.44
CA LEU A 360 20.86 -36.40 -1.58
C LEU A 360 21.15 -35.90 -0.17
N LEU A 361 21.79 -34.74 -0.07
CA LEU A 361 22.07 -34.11 1.22
C LEU A 361 20.79 -33.83 2.03
N ILE A 362 19.81 -33.18 1.38
CA ILE A 362 18.55 -32.82 2.02
C ILE A 362 17.83 -34.03 2.61
N LYS A 363 17.89 -35.16 1.90
CA LYS A 363 17.21 -36.37 2.33
C LYS A 363 17.90 -37.02 3.53
N GLY A 364 19.20 -36.77 3.67
CA GLY A 364 19.96 -37.20 4.83
C GLY A 364 19.65 -36.35 6.05
N VAL A 365 19.34 -35.07 5.82
CA VAL A 365 19.09 -34.13 6.91
C VAL A 365 17.65 -34.20 7.39
N TYR A 366 16.71 -34.14 6.44
CA TYR A 366 15.29 -34.06 6.75
C TYR A 366 14.50 -35.26 6.24
N GLN A 367 13.24 -35.34 6.65
CA GLN A 367 12.28 -36.25 6.05
C GLN A 367 11.48 -35.47 5.00
N VAL A 368 11.49 -35.95 3.76
CA VAL A 368 10.85 -35.24 2.65
C VAL A 368 9.71 -36.00 1.96
N ASN A 369 9.07 -35.34 0.99
CA ASN A 369 8.11 -36.00 0.13
C ASN A 369 8.57 -35.98 -1.33
N PRO A 370 9.13 -37.10 -1.81
CA PRO A 370 9.56 -37.24 -3.21
C PRO A 370 8.40 -37.12 -4.21
N THR A 371 7.17 -37.16 -3.70
CA THR A 371 5.98 -36.90 -4.51
C THR A 371 5.79 -35.40 -4.78
N LYS A 372 6.22 -34.56 -3.84
CA LYS A 372 6.04 -33.12 -3.93
C LYS A 372 7.32 -32.40 -4.36
N THR A 373 8.30 -33.18 -4.85
CA THR A 373 9.59 -32.66 -5.30
C THR A 373 9.60 -32.30 -6.79
N ARG A 374 10.11 -31.11 -7.10
CA ARG A 374 10.12 -30.60 -8.48
C ARG A 374 11.52 -30.19 -8.94
N THR A 375 11.95 -30.73 -10.09
CA THR A 375 13.29 -30.46 -10.62
C THR A 375 13.36 -30.63 -12.14
N ASN A 376 14.39 -30.03 -12.74
CA ASN A 376 14.58 -30.11 -14.19
C ASN A 376 15.72 -31.04 -14.61
N LEU A 377 16.36 -31.66 -13.63
CA LEU A 377 17.45 -32.62 -13.88
C LEU A 377 17.02 -33.72 -14.83
N PRO A 378 17.80 -33.93 -15.92
CA PRO A 378 17.49 -34.96 -16.93
C PRO A 378 17.62 -36.38 -16.39
N THR A 379 17.64 -36.53 -15.07
CA THR A 379 17.72 -37.82 -14.42
C THR A 379 16.34 -38.38 -14.09
N HIS A 380 15.48 -37.52 -13.52
CA HIS A 380 14.16 -37.93 -13.06
C HIS A 380 13.26 -38.37 -14.20
N ARG A 381 12.22 -39.13 -13.88
CA ARG A 381 11.28 -39.65 -14.87
C ARG A 381 10.41 -38.54 -15.45
N HIS A 382 10.19 -37.49 -14.66
CA HIS A 382 9.34 -36.36 -15.05
C HIS A 382 9.98 -35.01 -14.72
N PRO A 383 11.01 -34.60 -15.51
CA PRO A 383 11.73 -33.36 -15.24
C PRO A 383 10.90 -32.11 -15.53
N GLN A 384 10.66 -31.32 -14.49
CA GLN A 384 9.81 -30.13 -14.55
C GLN A 384 10.67 -28.91 -14.87
N ASP A 385 10.23 -28.13 -15.84
CA ASP A 385 10.93 -26.89 -16.19
C ASP A 385 10.47 -25.71 -15.32
N GLU A 386 9.27 -25.84 -14.77
CA GLU A 386 8.70 -24.81 -13.89
C GLU A 386 8.48 -25.38 -12.50
N ILE A 387 9.19 -24.83 -11.52
CA ILE A 387 9.03 -25.30 -10.15
C ILE A 387 8.35 -24.26 -9.26
N PRO A 388 7.32 -24.69 -8.51
CA PRO A 388 6.56 -23.76 -7.68
C PRO A 388 7.22 -23.55 -6.33
N TYR A 389 7.25 -22.30 -5.86
CA TYR A 389 7.85 -21.96 -4.58
C TYR A 389 7.31 -20.63 -4.06
N CYS A 390 6.80 -20.66 -2.83
CA CYS A 390 6.20 -19.50 -2.16
C CYS A 390 5.20 -18.74 -3.01
N GLY A 391 4.15 -19.43 -3.45
CA GLY A 391 3.04 -18.81 -4.18
C GLY A 391 3.45 -18.18 -5.50
N LYS A 392 4.56 -18.64 -6.06
CA LYS A 392 5.09 -18.18 -7.32
C LYS A 392 5.58 -19.38 -8.12
N ILE A 393 5.57 -19.27 -9.45
CA ILE A 393 6.10 -20.33 -10.31
C ILE A 393 7.37 -19.87 -11.03
N PHE A 394 8.50 -20.46 -10.63
CA PHE A 394 9.81 -20.14 -11.20
C PHE A 394 10.13 -21.05 -12.39
N ASN A 395 10.34 -20.46 -13.56
CA ASN A 395 10.80 -21.20 -14.73
C ASN A 395 12.31 -21.08 -14.87
N LEU A 396 13.00 -22.23 -14.87
CA LEU A 396 14.45 -22.24 -14.78
C LEU A 396 15.16 -21.90 -16.09
N THR A 397 14.52 -22.22 -17.21
CA THR A 397 15.09 -21.91 -18.52
C THR A 397 14.85 -20.44 -18.87
N THR A 398 13.57 -20.05 -18.92
CA THR A 398 13.22 -18.70 -19.34
C THR A 398 13.47 -17.68 -18.23
N ARG A 399 13.59 -18.16 -17.00
CA ARG A 399 13.84 -17.29 -15.83
C ARG A 399 12.63 -16.44 -15.45
N GLN A 400 11.55 -16.57 -16.22
CA GLN A 400 10.29 -15.89 -15.95
C GLN A 400 9.63 -16.41 -14.68
N VAL A 401 8.93 -15.52 -13.98
CA VAL A 401 8.22 -15.87 -12.75
C VAL A 401 6.76 -15.49 -12.85
N ARG A 402 5.88 -16.48 -12.69
CA ARG A 402 4.43 -16.23 -12.68
C ARG A 402 3.88 -16.51 -11.30
N THR A 403 2.72 -15.93 -11.00
CA THR A 403 2.03 -16.22 -9.74
C THR A 403 1.36 -17.60 -9.81
N LEU A 404 1.60 -18.42 -8.78
CA LEU A 404 0.95 -19.71 -8.65
C LEU A 404 -0.48 -19.53 -8.17
N TYR A 405 -1.42 -20.15 -8.85
CA TYR A 405 -2.80 -20.15 -8.39
C TYR A 405 -3.27 -21.52 -7.92
N LYS A 406 -3.81 -21.56 -6.71
CA LYS A 406 -4.15 -22.81 -6.05
C LYS A 406 -5.67 -23.07 -6.11
N LEU A 407 -6.11 -23.73 -7.18
CA LEU A 407 -7.55 -23.96 -7.41
C LEU A 407 -7.83 -25.40 -7.88
N PRO A 408 -8.14 -26.29 -6.93
CA PRO A 408 -8.44 -27.70 -7.19
C PRO A 408 -9.59 -27.88 -8.18
N PRO A 409 -9.74 -29.10 -8.74
CA PRO A 409 -10.90 -29.38 -9.60
C PRO A 409 -12.20 -29.21 -8.82
N ASN A 410 -13.13 -28.46 -9.39
CA ASN A 410 -14.45 -28.22 -8.80
C ASN A 410 -14.41 -27.37 -7.54
N TYR A 411 -13.38 -26.53 -7.42
CA TYR A 411 -13.31 -25.58 -6.33
C TYR A 411 -14.27 -24.44 -6.61
N GLU A 412 -15.05 -24.06 -5.60
CA GLU A 412 -15.98 -22.96 -5.73
C GLU A 412 -15.25 -21.68 -5.41
N ILE A 413 -15.01 -20.87 -6.44
CA ILE A 413 -14.12 -19.71 -6.34
C ILE A 413 -14.54 -18.70 -5.26
N ARG A 414 -15.85 -18.59 -5.02
CA ARG A 414 -16.38 -17.66 -4.00
C ARG A 414 -15.78 -17.90 -2.60
N HIS A 415 -15.31 -19.14 -2.34
CA HIS A 415 -14.67 -19.49 -1.07
C HIS A 415 -13.34 -18.76 -0.87
N LYS A 416 -12.81 -18.19 -1.95
CA LYS A 416 -11.51 -17.55 -1.89
C LYS A 416 -11.64 -16.14 -1.35
N PHE A 417 -12.85 -15.60 -1.36
CA PHE A 417 -13.07 -14.20 -1.04
C PHE A 417 -13.80 -13.98 0.30
N LYS A 418 -13.55 -12.83 0.92
CA LYS A 418 -14.23 -12.45 2.15
C LYS A 418 -15.01 -11.15 1.90
N LEU A 419 -16.31 -11.29 1.66
CA LEU A 419 -17.13 -10.13 1.31
C LEU A 419 -17.82 -9.56 2.54
N TRP A 420 -17.84 -10.32 3.61
CA TRP A 420 -18.59 -9.95 4.79
C TRP A 420 -17.68 -9.71 5.99
N ASN A 421 -17.87 -8.56 6.65
CA ASN A 421 -17.09 -8.24 7.83
C ASN A 421 -18.00 -7.90 8.99
N PHE A 422 -18.01 -8.76 10.00
CA PHE A 422 -18.95 -8.60 11.10
C PHE A 422 -18.60 -7.39 11.96
N ASN A 423 -17.35 -6.95 11.90
CA ASN A 423 -16.92 -5.78 12.66
C ASN A 423 -17.03 -4.48 11.86
N ASN A 424 -17.47 -4.60 10.61
CA ASN A 424 -17.70 -3.44 9.75
C ASN A 424 -18.86 -3.72 8.80
N GLN A 425 -20.08 -3.63 9.33
CA GLN A 425 -21.28 -4.10 8.61
C GLN A 425 -21.89 -3.02 7.73
N ILE A 426 -22.36 -3.43 6.56
CA ILE A 426 -22.93 -2.53 5.56
C ILE A 426 -24.44 -2.80 5.46
N SER A 427 -25.25 -1.74 5.47
CA SER A 427 -26.70 -1.91 5.46
C SER A 427 -27.23 -2.36 4.10
N ASP A 428 -28.41 -2.97 4.12
CA ASP A 428 -29.05 -3.51 2.92
C ASP A 428 -29.36 -2.48 1.82
N ASP A 429 -29.43 -1.21 2.19
CA ASP A 429 -29.75 -0.16 1.21
C ASP A 429 -28.50 0.49 0.62
N ASN A 430 -27.34 -0.10 0.88
CA ASN A 430 -26.07 0.44 0.41
C ASN A 430 -25.25 -0.58 -0.37
N PRO A 431 -25.78 -1.04 -1.51
CA PRO A 431 -25.08 -2.03 -2.32
C PRO A 431 -23.78 -1.49 -2.91
N ALA A 432 -23.75 -0.18 -3.20
CA ALA A 432 -22.57 0.45 -3.80
C ALA A 432 -21.36 0.40 -2.89
N ARG A 433 -21.57 0.64 -1.60
CA ARG A 433 -20.50 0.55 -0.60
C ARG A 433 -19.90 -0.86 -0.59
N PHE A 434 -20.79 -1.87 -0.61
CA PHE A 434 -20.41 -3.29 -0.61
C PHE A 434 -19.60 -3.71 -1.84
N LEU A 435 -20.06 -3.28 -3.02
CA LEU A 435 -19.38 -3.59 -4.28
C LEU A 435 -18.03 -2.89 -4.35
N GLN A 436 -17.98 -1.64 -3.91
CA GLN A 436 -16.74 -0.90 -3.95
C GLN A 436 -15.72 -1.50 -2.99
N LYS A 437 -16.15 -1.74 -1.75
CA LYS A 437 -15.31 -2.37 -0.73
C LYS A 437 -14.75 -3.69 -1.26
N ALA A 438 -15.57 -4.45 -1.98
CA ALA A 438 -15.15 -5.71 -2.56
C ALA A 438 -14.01 -5.53 -3.57
N MET A 439 -13.96 -4.40 -4.24
CA MET A 439 -12.98 -4.20 -5.28
C MET A 439 -11.70 -3.49 -4.79
N ASP A 440 -11.65 -3.23 -3.48
CA ASP A 440 -10.46 -2.70 -2.85
C ASP A 440 -9.25 -3.62 -3.04
N PHE A 441 -8.06 -3.05 -2.89
CA PHE A 441 -6.80 -3.69 -3.27
C PHE A 441 -6.29 -4.82 -2.34
N PRO A 442 -6.40 -4.65 -1.01
CA PRO A 442 -5.74 -5.56 -0.07
C PRO A 442 -5.88 -7.06 -0.34
N PHE A 443 -6.97 -7.49 -0.97
CA PHE A 443 -7.20 -8.94 -1.15
C PHE A 443 -6.24 -9.64 -2.14
N ILE A 444 -6.06 -9.05 -3.34
CA ILE A 444 -5.07 -9.56 -4.31
C ILE A 444 -3.71 -8.92 -4.09
N CYS A 445 -3.37 -8.72 -2.82
CA CYS A 445 -2.07 -8.20 -2.41
C CYS A 445 -0.90 -8.91 -3.11
N ASN A 446 -0.92 -10.24 -3.09
CA ASN A 446 0.21 -11.06 -3.54
C ASN A 446 0.20 -11.44 -5.02
N SER A 447 -0.53 -10.66 -5.82
CA SER A 447 -0.50 -10.78 -7.27
C SER A 447 0.06 -9.50 -7.87
N PHE A 448 0.27 -8.49 -7.03
CA PHE A 448 0.74 -7.18 -7.47
C PHE A 448 2.07 -6.79 -6.83
N THR A 449 3.06 -7.67 -6.92
CA THR A 449 4.34 -7.48 -6.27
C THR A 449 5.47 -7.26 -7.28
N LYS A 450 6.69 -7.22 -6.76
CA LYS A 450 7.90 -7.14 -7.59
C LYS A 450 7.96 -8.32 -8.56
N PHE A 451 7.65 -9.51 -8.06
CA PHE A 451 7.69 -10.75 -8.84
C PHE A 451 6.86 -10.69 -10.12
N GLU A 452 5.71 -10.04 -10.05
CA GLU A 452 4.79 -10.02 -11.18
C GLU A 452 5.11 -8.93 -12.20
N PHE A 453 5.47 -7.74 -11.71
CA PHE A 453 5.51 -6.56 -12.56
C PHE A 453 6.89 -6.08 -12.99
N ASN A 454 7.95 -6.62 -12.39
CA ASN A 454 9.31 -6.26 -12.79
C ASN A 454 9.59 -6.55 -14.27
N THR A 455 10.52 -5.80 -14.84
CA THR A 455 11.05 -6.10 -16.18
C THR A 455 12.57 -6.22 -16.12
N VAL A 456 13.07 -6.71 -14.98
CA VAL A 456 14.47 -7.06 -14.83
C VAL A 456 14.70 -8.45 -15.43
N PHE A 457 14.11 -9.47 -14.82
CA PHE A 457 14.16 -10.83 -15.38
C PHE A 457 12.89 -11.19 -16.15
N ASN A 458 11.76 -10.62 -15.76
CA ASN A 458 10.50 -10.88 -16.43
C ASN A 458 10.38 -10.08 -17.72
N ASP A 459 9.99 -10.76 -18.78
CA ASP A 459 9.64 -10.10 -20.03
C ASP A 459 8.33 -9.30 -19.88
N GLN A 460 8.18 -8.28 -20.70
CA GLN A 460 6.98 -7.47 -20.70
C GLN A 460 5.72 -8.34 -20.85
N ARG A 461 5.79 -9.34 -21.72
CA ARG A 461 4.65 -10.21 -21.99
C ARG A 461 4.31 -11.09 -20.79
N THR A 462 5.32 -11.42 -20.00
CA THR A 462 5.12 -12.11 -18.73
C THR A 462 4.32 -11.24 -17.74
N VAL A 463 4.71 -9.97 -17.64
CA VAL A 463 4.03 -8.99 -16.80
C VAL A 463 2.54 -8.89 -17.15
N PHE A 464 2.25 -8.77 -18.44
CA PHE A 464 0.86 -8.79 -18.93
C PHE A 464 0.12 -10.08 -18.57
N ALA A 465 0.73 -11.24 -18.80
CA ALA A 465 0.14 -12.51 -18.39
C ALA A 465 -0.17 -12.54 -16.89
N ASN A 466 0.74 -11.99 -16.09
CA ASN A 466 0.53 -11.91 -14.65
C ASN A 466 -0.62 -10.97 -14.32
N PHE A 467 -0.65 -9.81 -14.96
CA PHE A 467 -1.68 -8.81 -14.69
C PHE A 467 -3.06 -9.35 -15.09
N TYR A 468 -3.11 -10.00 -16.25
CA TYR A 468 -4.33 -10.58 -16.77
C TYR A 468 -4.87 -11.61 -15.78
N ASP A 469 -4.01 -12.53 -15.36
CA ASP A 469 -4.39 -13.55 -14.38
C ASP A 469 -4.93 -12.94 -13.09
N ALA A 470 -4.29 -11.87 -12.62
CA ALA A 470 -4.71 -11.18 -11.42
C ALA A 470 -6.10 -10.58 -11.62
N MET A 471 -6.35 -10.01 -12.80
CA MET A 471 -7.65 -9.40 -13.07
C MET A 471 -8.79 -10.41 -13.26
N ILE A 472 -8.46 -11.64 -13.68
CA ILE A 472 -9.42 -12.74 -13.69
C ILE A 472 -9.96 -13.01 -12.26
N CYS A 473 -9.07 -12.95 -11.27
CA CYS A 473 -9.50 -13.10 -9.88
C CYS A 473 -10.39 -11.95 -9.42
N VAL A 474 -9.93 -10.72 -9.61
CA VAL A 474 -10.70 -9.52 -9.25
C VAL A 474 -12.11 -9.65 -9.85
N ALA A 475 -12.17 -10.17 -11.07
CA ALA A 475 -13.41 -10.31 -11.80
C ALA A 475 -14.29 -11.39 -11.15
N TYR A 476 -13.65 -12.51 -10.75
CA TYR A 476 -14.35 -13.57 -10.06
C TYR A 476 -14.89 -13.08 -8.71
N LYS A 477 -14.13 -12.21 -8.05
CA LYS A 477 -14.62 -11.59 -6.82
C LYS A 477 -15.79 -10.65 -7.12
N PHE A 478 -15.65 -9.86 -8.18
CA PHE A 478 -16.72 -9.00 -8.64
C PHE A 478 -18.00 -9.80 -8.87
N ASP A 479 -17.87 -10.97 -9.50
CA ASP A 479 -19.02 -11.84 -9.73
C ASP A 479 -19.62 -12.37 -8.41
N ALA A 480 -18.76 -12.80 -7.49
CA ALA A 480 -19.20 -13.26 -6.17
C ALA A 480 -19.96 -12.17 -5.40
N ALA A 481 -19.43 -10.96 -5.43
CA ALA A 481 -20.09 -9.79 -4.83
C ALA A 481 -21.44 -9.51 -5.50
N MET A 482 -21.45 -9.62 -6.82
CA MET A 482 -22.66 -9.38 -7.59
C MET A 482 -23.74 -10.37 -7.19
N MET A 483 -23.34 -11.62 -6.90
CA MET A 483 -24.26 -12.66 -6.46
C MET A 483 -24.82 -12.34 -5.08
N ALA A 484 -24.00 -11.73 -4.24
CA ALA A 484 -24.44 -11.36 -2.90
C ALA A 484 -25.39 -10.16 -2.93
N LEU A 485 -25.22 -9.28 -3.91
CA LEU A 485 -26.06 -8.09 -4.03
C LEU A 485 -27.51 -8.46 -4.33
N ARG A 486 -27.69 -9.48 -5.16
CA ARG A 486 -29.04 -9.89 -5.52
C ARG A 486 -29.70 -10.78 -4.48
N THR A 487 -28.91 -11.55 -3.75
CA THR A 487 -29.45 -12.51 -2.77
C THR A 487 -29.54 -12.00 -1.33
N SER A 488 -28.65 -11.08 -0.95
CA SER A 488 -28.73 -10.50 0.39
C SER A 488 -29.19 -9.05 0.42
N PHE A 489 -28.63 -8.24 -0.48
CA PHE A 489 -28.99 -6.83 -0.59
C PHE A 489 -30.29 -6.68 -1.34
N LEU A 490 -30.69 -7.74 -2.04
CA LEU A 490 -31.92 -7.80 -2.82
C LEU A 490 -32.06 -6.60 -3.73
N VAL A 491 -31.05 -6.40 -4.57
CA VAL A 491 -31.03 -5.24 -5.49
C VAL A 491 -31.93 -5.46 -6.71
N ASN A 492 -32.60 -4.40 -7.13
CA ASN A 492 -33.37 -4.41 -8.37
C ASN A 492 -32.73 -3.52 -9.43
N ASP A 493 -32.36 -2.32 -9.02
CA ASP A 493 -31.74 -1.35 -9.93
C ASP A 493 -30.22 -1.49 -9.91
N PHE A 494 -29.67 -2.08 -10.97
CA PHE A 494 -28.24 -2.34 -11.05
C PHE A 494 -27.43 -1.25 -11.80
N GLY A 495 -28.04 -0.08 -11.99
CA GLY A 495 -27.42 1.02 -12.73
C GLY A 495 -26.08 1.52 -12.21
N PHE A 496 -25.94 1.56 -10.88
CA PHE A 496 -24.71 2.01 -10.23
C PHE A 496 -23.51 1.10 -10.52
N ILE A 497 -23.77 -0.14 -10.91
CA ILE A 497 -22.73 -1.13 -11.20
C ILE A 497 -21.71 -0.65 -12.22
N TRP A 498 -22.18 -0.07 -13.32
CA TRP A 498 -21.31 0.29 -14.45
C TRP A 498 -20.15 1.20 -14.06
N LEU A 499 -20.43 2.25 -13.29
CA LEU A 499 -19.38 3.18 -12.89
C LEU A 499 -18.38 2.57 -11.90
N VAL A 500 -18.88 1.73 -11.00
CA VAL A 500 -18.01 0.99 -10.07
C VAL A 500 -17.07 0.04 -10.85
N LEU A 501 -17.62 -0.65 -11.84
CA LEU A 501 -16.82 -1.50 -12.72
C LEU A 501 -15.73 -0.69 -13.45
N SER A 502 -16.12 0.45 -14.02
CA SER A 502 -15.20 1.34 -14.75
C SER A 502 -14.07 1.90 -13.88
N SER A 503 -14.40 2.34 -12.67
CA SER A 503 -13.42 2.84 -11.69
C SER A 503 -12.45 1.76 -11.26
N THR A 504 -12.96 0.54 -11.11
CA THR A 504 -12.16 -0.57 -10.69
C THR A 504 -11.12 -0.83 -11.76
N VAL A 505 -11.57 -0.90 -13.01
CA VAL A 505 -10.69 -1.14 -14.14
C VAL A 505 -9.61 -0.08 -14.17
N ARG A 506 -10.00 1.20 -14.02
CA ARG A 506 -9.04 2.28 -13.97
C ARG A 506 -8.04 2.07 -12.83
N ALA A 507 -8.55 2.03 -11.59
CA ALA A 507 -7.72 1.84 -10.40
C ALA A 507 -6.67 0.74 -10.55
N TYR A 508 -7.08 -0.46 -10.99
CA TYR A 508 -6.16 -1.58 -11.12
C TYR A 508 -5.13 -1.38 -12.23
N ALA A 509 -5.56 -0.84 -13.36
CA ALA A 509 -4.63 -0.46 -14.44
C ALA A 509 -3.61 0.58 -13.94
N SER A 510 -4.06 1.46 -13.05
CA SER A 510 -3.21 2.50 -12.49
C SER A 510 -2.16 1.93 -11.54
N ARG A 511 -2.56 0.95 -10.74
CA ARG A 511 -1.62 0.26 -9.86
C ARG A 511 -0.62 -0.59 -10.64
N ALA A 512 -1.11 -1.31 -11.64
CA ALA A 512 -0.23 -2.06 -12.54
C ALA A 512 0.83 -1.14 -13.12
N PHE A 513 0.39 -0.03 -13.68
CA PHE A 513 1.29 0.95 -14.29
C PHE A 513 2.38 1.45 -13.33
N LYS A 514 1.97 1.83 -12.11
CA LYS A 514 2.92 2.31 -11.11
C LYS A 514 3.95 1.28 -10.73
N LYS A 515 3.50 0.04 -10.53
CA LYS A 515 4.38 -1.07 -10.16
C LYS A 515 5.35 -1.39 -11.28
N ILE A 516 4.86 -1.39 -12.51
CA ILE A 516 5.69 -1.58 -13.69
C ILE A 516 6.81 -0.53 -13.77
N VAL A 517 6.46 0.74 -13.58
CA VAL A 517 7.44 1.83 -13.62
C VAL A 517 8.46 1.73 -12.48
N THR A 518 7.97 1.48 -11.26
CA THR A 518 8.83 1.28 -10.11
C THR A 518 9.91 0.24 -10.40
N TYR A 519 9.50 -0.91 -10.91
CA TYR A 519 10.40 -2.05 -11.10
C TYR A 519 10.77 -2.25 -12.56
N LYS A 520 10.88 -1.14 -13.28
CA LYS A 520 11.36 -1.14 -14.66
C LYS A 520 12.78 -1.69 -14.72
N GLY A 521 13.04 -2.56 -15.70
CA GLY A 521 14.38 -3.08 -15.95
C GLY A 521 14.70 -3.05 -17.43
N GLY A 522 15.80 -3.72 -17.81
CA GLY A 522 16.29 -3.77 -19.19
C GLY A 522 15.40 -4.48 -20.21
N LYS A 523 14.45 -5.28 -19.73
CA LYS A 523 13.56 -6.04 -20.62
C LYS A 523 12.27 -5.28 -20.98
N TYR A 524 12.09 -4.10 -20.37
CA TYR A 524 10.98 -3.21 -20.66
C TYR A 524 11.02 -2.75 -22.12
N ARG A 525 9.86 -2.68 -22.78
CA ARG A 525 9.78 -2.13 -24.14
C ARG A 525 8.91 -0.86 -24.14
N LYS A 526 7.61 -1.04 -23.91
CA LYS A 526 6.67 0.08 -23.81
C LYS A 526 5.36 -0.42 -23.24
N VAL A 527 4.97 0.12 -22.08
CA VAL A 527 3.68 -0.20 -21.47
C VAL A 527 2.86 1.05 -21.31
N THR A 528 1.71 1.12 -21.99
CA THR A 528 0.78 2.23 -21.84
C THR A 528 -0.38 1.88 -20.91
N PHE A 529 -0.94 2.90 -20.26
CA PHE A 529 -2.13 2.76 -19.43
C PHE A 529 -3.27 2.12 -20.24
N GLN A 530 -3.41 2.54 -21.49
CA GLN A 530 -4.46 2.06 -22.39
C GLN A 530 -4.39 0.56 -22.58
N CYS A 531 -3.18 0.03 -22.71
CA CYS A 531 -2.96 -1.39 -22.91
C CYS A 531 -3.36 -2.21 -21.68
N LEU A 532 -2.92 -1.76 -20.50
CA LEU A 532 -3.32 -2.40 -19.24
C LEU A 532 -4.83 -2.37 -19.03
N LYS A 533 -5.43 -1.21 -19.31
CA LYS A 533 -6.87 -1.05 -19.23
C LYS A 533 -7.57 -2.07 -20.15
N SER A 534 -7.06 -2.24 -21.37
CA SER A 534 -7.63 -3.24 -22.29
C SER A 534 -7.51 -4.68 -21.75
N ILE A 535 -6.35 -5.04 -21.21
CA ILE A 535 -6.12 -6.34 -20.60
C ILE A 535 -7.08 -6.56 -19.42
N ALA A 536 -7.25 -5.55 -18.57
CA ALA A 536 -8.19 -5.62 -17.45
C ALA A 536 -9.62 -5.90 -17.94
N TRP A 537 -10.05 -5.14 -18.96
CA TRP A 537 -11.40 -5.31 -19.48
C TRP A 537 -11.60 -6.72 -20.03
N ARG A 538 -10.59 -7.22 -20.76
CA ARG A 538 -10.68 -8.55 -21.36
C ARG A 538 -10.89 -9.63 -20.32
N ALA A 539 -10.21 -9.47 -19.16
CA ALA A 539 -10.32 -10.40 -18.03
C ALA A 539 -11.72 -10.37 -17.41
N PHE A 540 -12.36 -9.21 -17.41
CA PHE A 540 -13.72 -9.11 -16.92
C PHE A 540 -14.69 -9.78 -17.87
N LEU A 541 -14.44 -9.63 -19.17
CA LEU A 541 -15.25 -10.29 -20.18
C LEU A 541 -15.15 -11.79 -20.01
N ALA A 542 -13.94 -12.29 -19.84
CA ALA A 542 -13.70 -13.72 -19.74
C ALA A 542 -14.55 -14.35 -18.63
N VAL A 543 -14.62 -13.67 -17.49
CA VAL A 543 -15.38 -14.16 -16.34
C VAL A 543 -16.88 -13.93 -16.51
N LEU A 544 -17.24 -12.70 -16.89
CA LEU A 544 -18.62 -12.34 -17.12
C LEU A 544 -19.34 -13.30 -18.08
N LYS A 545 -18.61 -13.77 -19.10
CA LYS A 545 -19.19 -14.61 -20.16
C LYS A 545 -19.76 -15.94 -19.64
N ARG A 546 -19.25 -16.39 -18.50
CA ARG A 546 -19.74 -17.61 -17.85
C ARG A 546 -21.20 -17.51 -17.44
N ARG A 547 -21.73 -16.29 -17.35
CA ARG A 547 -23.17 -16.06 -17.16
C ARG A 547 -23.75 -15.13 -18.25
N THR A 548 -23.66 -15.56 -19.52
CA THR A 548 -24.10 -14.72 -20.65
C THR A 548 -25.56 -14.29 -20.53
N GLU A 549 -26.32 -14.99 -19.70
CA GLU A 549 -27.72 -14.65 -19.45
C GLU A 549 -27.82 -13.39 -18.57
N ILE A 550 -27.37 -13.50 -17.33
CA ILE A 550 -27.39 -12.40 -16.37
C ILE A 550 -26.56 -11.18 -16.79
N TYR A 551 -25.38 -11.41 -17.37
CA TYR A 551 -24.46 -10.33 -17.74
C TYR A 551 -24.52 -9.90 -19.22
N LYS A 552 -25.58 -10.28 -19.92
CA LYS A 552 -25.73 -10.00 -21.36
C LYS A 552 -25.52 -8.52 -21.74
N GLY A 553 -26.24 -7.61 -21.06
CA GLY A 553 -26.18 -6.18 -21.35
C GLY A 553 -24.85 -5.57 -20.97
N LEU A 554 -24.27 -6.08 -19.89
CA LEU A 554 -22.99 -5.60 -19.40
C LEU A 554 -21.85 -5.92 -20.39
N ILE A 555 -21.87 -7.14 -20.93
CA ILE A 555 -20.91 -7.58 -21.95
C ILE A 555 -21.00 -6.73 -23.21
N ASP A 556 -22.23 -6.51 -23.71
CA ASP A 556 -22.44 -5.67 -24.88
C ASP A 556 -21.94 -4.27 -24.63
N ARG A 557 -22.17 -3.77 -23.42
CA ARG A 557 -21.74 -2.42 -23.05
C ARG A 557 -20.22 -2.29 -23.13
N ILE A 558 -19.52 -3.26 -22.55
CA ILE A 558 -18.06 -3.27 -22.60
C ILE A 558 -17.56 -3.28 -24.04
N LYS A 559 -18.17 -4.13 -24.87
CA LYS A 559 -17.72 -4.31 -26.23
C LYS A 559 -17.96 -3.09 -27.12
N SER A 560 -18.98 -2.32 -26.79
CA SER A 560 -19.30 -1.15 -27.62
C SER A 560 -18.68 0.13 -27.10
N ARG A 561 -18.44 0.20 -25.79
CA ARG A 561 -17.95 1.42 -25.15
C ARG A 561 -16.46 1.41 -24.84
N GLU A 562 -15.86 0.23 -24.69
CA GLU A 562 -14.45 0.12 -24.27
C GLU A 562 -13.48 -0.43 -25.33
N LYS A 563 -12.25 0.07 -25.26
CA LYS A 563 -11.14 -0.40 -26.09
C LYS A 563 -10.67 -1.75 -25.59
N LEU A 564 -10.92 -2.79 -26.39
CA LEU A 564 -10.56 -4.16 -26.03
C LEU A 564 -9.34 -4.65 -26.79
N THR A 565 -8.99 -3.93 -27.84
CA THR A 565 -7.83 -4.30 -28.65
C THR A 565 -6.58 -3.54 -28.18
N MET A 566 -5.47 -4.26 -28.04
CA MET A 566 -4.21 -3.63 -27.65
C MET A 566 -3.09 -3.98 -28.61
N LYS A 567 -2.07 -3.14 -28.62
CA LYS A 567 -0.89 -3.36 -29.44
C LYS A 567 0.19 -3.98 -28.58
N PHE A 568 0.82 -5.04 -29.08
CA PHE A 568 1.93 -5.68 -28.38
C PHE A 568 3.27 -5.27 -28.96
N HIS A 569 4.33 -5.39 -28.16
CA HIS A 569 5.66 -4.97 -28.58
C HIS A 569 6.68 -6.12 -28.54
N ASP A 570 6.18 -7.31 -28.27
CA ASP A 570 7.00 -8.51 -28.28
C ASP A 570 6.39 -9.51 -29.26
N GLY A 571 7.02 -9.68 -30.41
CA GLY A 571 6.56 -10.67 -31.39
C GLY A 571 6.52 -12.08 -30.83
N GLU A 572 7.03 -12.23 -29.61
CA GLU A 572 7.10 -13.53 -28.95
C GLU A 572 5.89 -13.75 -28.04
N VAL A 573 5.06 -12.72 -27.91
CA VAL A 573 3.85 -12.76 -27.09
C VAL A 573 2.94 -13.89 -27.53
N ASP A 574 2.11 -14.36 -26.61
CA ASP A 574 1.01 -15.24 -26.96
C ASP A 574 -0.30 -14.49 -26.82
N ALA A 575 -0.77 -13.92 -27.92
CA ALA A 575 -1.95 -13.04 -27.90
C ALA A 575 -3.22 -13.80 -27.57
N SER A 576 -3.20 -15.10 -27.83
CA SER A 576 -4.35 -15.95 -27.58
C SER A 576 -4.66 -16.10 -26.09
N TYR A 577 -3.66 -15.83 -25.25
CA TYR A 577 -3.82 -15.95 -23.82
C TYR A 577 -4.87 -14.97 -23.31
N PHE A 578 -5.07 -13.89 -24.07
CA PHE A 578 -5.91 -12.80 -23.62
C PHE A 578 -7.32 -12.90 -24.21
N CYS A 579 -7.54 -13.93 -25.02
CA CYS A 579 -8.81 -14.13 -25.71
C CYS A 579 -9.81 -14.86 -24.85
N LYS A 580 -9.33 -15.54 -23.82
CA LYS A 580 -10.15 -16.53 -23.11
C LYS A 580 -9.73 -16.76 -21.67
N LEU A 581 -10.60 -17.46 -20.95
CA LEU A 581 -10.31 -17.92 -19.60
C LEU A 581 -9.10 -18.84 -19.65
N PRO A 582 -8.01 -18.48 -18.95
CA PRO A 582 -6.86 -19.37 -18.82
C PRO A 582 -7.26 -20.68 -18.16
N GLU A 583 -6.76 -21.81 -18.68
CA GLU A 583 -7.27 -23.13 -18.28
C GLU A 583 -7.21 -23.47 -16.77
N LYS A 584 -6.35 -22.77 -16.02
CA LYS A 584 -6.32 -22.87 -14.56
C LYS A 584 -7.54 -22.20 -13.90
N PHE A 585 -8.19 -21.29 -14.62
CA PHE A 585 -9.37 -20.58 -14.12
C PHE A 585 -10.68 -21.03 -14.78
N ARG A 586 -10.58 -21.88 -15.79
CA ARG A 586 -11.72 -22.17 -16.67
C ARG A 586 -12.76 -23.13 -16.06
N PHE A 587 -12.37 -23.86 -15.01
CA PHE A 587 -13.26 -24.90 -14.46
C PHE A 587 -13.67 -24.72 -12.99
N VAL A 588 -13.40 -23.56 -12.40
CA VAL A 588 -13.82 -23.29 -11.03
C VAL A 588 -15.34 -23.16 -10.95
N LYS A 589 -15.93 -23.70 -9.89
CA LYS A 589 -17.39 -23.65 -9.73
C LYS A 589 -17.84 -22.24 -9.37
N ILE A 590 -18.84 -21.76 -10.10
CA ILE A 590 -19.43 -20.44 -9.82
C ILE A 590 -20.91 -20.54 -9.44
N ASN A 591 -21.44 -21.76 -9.41
CA ASN A 591 -22.84 -22.00 -9.01
C ASN A 591 -22.98 -22.66 -7.63
N ARG A 592 -23.67 -21.97 -6.74
CA ARG A 592 -23.93 -22.45 -5.40
C ARG A 592 -25.06 -23.47 -5.43
N LYS A 593 -24.87 -24.60 -4.77
CA LYS A 593 -25.95 -25.58 -4.65
C LYS A 593 -25.72 -26.53 -3.46
N ALA A 594 -26.73 -26.62 -2.60
CA ALA A 594 -26.73 -27.53 -1.46
C ALA A 594 -26.32 -28.95 -1.84
N SER A 595 -25.42 -29.51 -1.05
CA SER A 595 -24.84 -30.83 -1.35
C SER A 595 -25.06 -31.82 -0.21
N ILE A 596 -25.59 -31.32 0.90
CA ILE A 596 -25.82 -32.13 2.09
C ILE A 596 -27.19 -31.85 2.73
N MET B 1 -0.18 10.13 -29.12
CA MET B 1 -0.42 9.90 -27.67
C MET B 1 -0.01 11.12 -26.82
N VAL B 2 0.32 12.23 -27.48
CA VAL B 2 0.70 13.46 -26.77
C VAL B 2 -0.49 14.41 -26.61
N HIS B 3 -0.94 14.56 -25.36
CA HIS B 3 -2.03 15.46 -25.03
C HIS B 3 -1.54 16.71 -24.32
N TYR B 4 -0.38 16.60 -23.65
CA TYR B 4 0.11 17.67 -22.77
C TYR B 4 1.09 18.64 -23.44
N TYR B 5 1.10 19.87 -22.91
CA TYR B 5 2.16 20.84 -23.14
C TYR B 5 2.73 21.23 -21.78
N ARG B 6 4.03 21.05 -21.59
CA ARG B 6 4.67 21.43 -20.34
C ARG B 6 4.85 22.94 -20.23
N LEU B 7 4.67 23.47 -19.02
CA LEU B 7 4.81 24.91 -18.80
C LEU B 7 6.23 25.32 -18.43
N SER B 8 7.06 24.33 -18.08
CA SER B 8 8.44 24.59 -17.68
C SER B 8 9.19 25.43 -18.71
N LEU B 9 9.99 26.37 -18.19
CA LEU B 9 10.85 27.20 -19.02
C LEU B 9 11.94 26.38 -19.70
N LYS B 10 12.25 25.24 -19.11
CA LYS B 10 13.30 24.36 -19.61
C LYS B 10 13.08 23.95 -21.06
N SER B 11 11.81 23.99 -21.50
CA SER B 11 11.41 23.54 -22.83
C SER B 11 11.52 24.64 -23.88
N ARG B 12 11.84 25.87 -23.45
CA ARG B 12 11.94 27.02 -24.36
C ARG B 12 12.94 26.79 -25.50
N GLN B 13 12.78 27.55 -26.58
CA GLN B 13 13.69 27.48 -27.71
C GLN B 13 14.40 28.80 -27.98
N LYS B 14 15.55 28.72 -28.64
CA LYS B 14 16.26 29.91 -29.09
C LYS B 14 15.62 30.41 -30.38
N ALA B 15 14.89 31.52 -30.27
CA ALA B 15 14.14 32.08 -31.40
C ALA B 15 15.05 32.41 -32.60
N PRO B 16 14.56 32.18 -33.84
CA PRO B 16 15.28 32.64 -35.01
C PRO B 16 14.95 34.10 -35.30
N LYS B 17 15.66 34.71 -36.24
CA LYS B 17 15.37 36.09 -36.66
C LYS B 17 14.05 36.16 -37.41
N ILE B 18 13.85 35.19 -38.31
CA ILE B 18 12.59 35.06 -39.05
C ILE B 18 12.15 33.60 -39.13
N VAL B 19 10.86 33.38 -39.32
CA VAL B 19 10.29 32.04 -39.49
C VAL B 19 10.42 31.55 -40.92
N ASN B 20 10.41 30.23 -41.10
CA ASN B 20 10.49 29.63 -42.43
C ASN B 20 9.15 29.56 -43.14
N SER B 21 9.13 28.89 -44.30
CA SER B 21 7.94 28.80 -45.15
C SER B 21 6.73 28.20 -44.45
N LYS B 22 6.99 27.35 -43.45
CA LYS B 22 5.93 26.65 -42.70
C LYS B 22 4.98 27.58 -41.93
N TYR B 23 5.48 28.73 -41.52
CA TYR B 23 4.72 29.65 -40.68
C TYR B 23 4.34 30.93 -41.42
N ASN B 24 3.35 31.64 -40.87
CA ASN B 24 2.89 32.91 -41.42
C ASN B 24 3.87 34.05 -41.09
N SER B 25 3.96 35.03 -42.00
CA SER B 25 4.85 36.18 -41.83
C SER B 25 4.59 36.96 -40.54
N ILE B 26 3.35 36.94 -40.08
CA ILE B 26 2.94 37.71 -38.91
C ILE B 26 3.85 37.47 -37.69
N LEU B 27 4.43 36.28 -37.59
CA LEU B 27 5.31 35.93 -36.48
C LEU B 27 6.63 36.69 -36.50
N ASN B 28 7.09 37.02 -37.71
CA ASN B 28 8.28 37.86 -37.87
C ASN B 28 8.17 39.19 -37.12
N ILE B 29 6.97 39.76 -37.11
CA ILE B 29 6.68 40.98 -36.36
C ILE B 29 6.92 40.77 -34.86
N ALA B 30 6.29 39.74 -34.31
CA ALA B 30 6.45 39.39 -32.92
C ALA B 30 7.92 39.13 -32.57
N LEU B 31 8.63 38.43 -33.44
CA LEU B 31 10.07 38.19 -33.27
C LEU B 31 10.87 39.50 -33.23
N LYS B 32 10.51 40.44 -34.08
CA LYS B 32 11.19 41.74 -34.15
C LYS B 32 10.97 42.54 -32.85
N ASN B 33 9.71 42.58 -32.43
CA ASN B 33 9.32 43.26 -31.20
C ASN B 33 9.99 42.67 -29.96
N PHE B 34 10.09 41.34 -29.93
CA PHE B 34 10.80 40.66 -28.86
C PHE B 34 12.25 41.14 -28.77
N ARG B 35 12.92 41.21 -29.91
CA ARG B 35 14.30 41.70 -29.97
C ARG B 35 14.38 43.15 -29.50
N LEU B 36 13.44 43.98 -29.99
CA LEU B 36 13.34 45.38 -29.58
C LEU B 36 13.15 45.53 -28.08
N CYS B 37 12.33 44.66 -27.50
CA CYS B 37 12.01 44.73 -26.08
C CYS B 37 13.25 44.47 -25.24
N LYS B 38 14.00 43.45 -25.63
CA LYS B 38 15.20 43.06 -24.91
C LYS B 38 16.25 44.15 -24.97
N LYS B 39 16.33 44.82 -26.12
CA LYS B 39 17.27 45.93 -26.33
C LYS B 39 16.93 47.18 -25.52
N HIS B 40 15.66 47.35 -25.16
CA HIS B 40 15.22 48.55 -24.46
C HIS B 40 15.43 48.45 -22.96
N LYS B 41 16.15 49.43 -22.40
CA LYS B 41 16.42 49.48 -20.96
C LYS B 41 15.45 50.42 -20.22
N THR B 42 14.49 49.83 -19.53
CA THR B 42 13.52 50.57 -18.73
C THR B 42 13.86 50.41 -17.24
N LYS B 43 14.03 51.54 -16.56
CA LYS B 43 14.30 51.53 -15.11
C LYS B 43 13.08 51.08 -14.30
N LYS B 44 11.91 51.13 -14.92
CA LYS B 44 10.65 50.68 -14.30
C LYS B 44 10.44 49.16 -14.43
N PRO B 45 9.98 48.52 -13.34
CA PRO B 45 9.70 47.07 -13.34
C PRO B 45 8.88 46.60 -14.54
N VAL B 46 9.11 45.35 -14.94
CA VAL B 46 8.50 44.79 -16.16
C VAL B 46 7.34 43.82 -15.84
N GLN B 47 6.14 44.16 -16.28
CA GLN B 47 5.01 43.23 -16.23
C GLN B 47 4.91 42.46 -17.55
N ILE B 48 5.14 41.14 -17.50
CA ILE B 48 5.20 40.33 -18.72
C ILE B 48 3.91 40.32 -19.56
N LEU B 49 2.76 40.22 -18.89
CA LEU B 49 1.48 40.31 -19.57
C LEU B 49 1.44 41.58 -20.41
N ALA B 50 1.80 42.69 -19.78
CA ALA B 50 1.75 44.01 -20.43
C ALA B 50 2.76 44.15 -21.56
N LEU B 51 3.91 43.49 -21.44
CA LEU B 51 4.94 43.55 -22.48
C LEU B 51 4.54 42.74 -23.69
N LEU B 52 4.10 41.50 -23.45
CA LEU B 52 3.81 40.53 -24.49
C LEU B 52 2.69 41.05 -25.39
N GLN B 53 1.85 41.92 -24.83
CA GLN B 53 0.76 42.52 -25.58
C GLN B 53 1.22 43.71 -26.46
N GLU B 54 2.49 44.06 -26.33
CA GLU B 54 3.12 44.98 -27.27
C GLU B 54 3.89 44.19 -28.30
N ILE B 55 4.39 43.02 -27.89
CA ILE B 55 5.20 42.19 -28.75
C ILE B 55 4.37 41.45 -29.82
N ILE B 56 3.37 40.71 -29.38
CA ILE B 56 2.49 40.00 -30.30
C ILE B 56 1.32 40.90 -30.74
N PRO B 57 1.28 41.27 -32.02
CA PRO B 57 0.28 42.22 -32.49
C PRO B 57 -1.14 41.69 -32.28
N LYS B 58 -2.09 42.58 -32.02
CA LYS B 58 -3.46 42.14 -31.79
C LYS B 58 -4.03 41.42 -33.01
N SER B 59 -3.55 41.80 -34.19
CA SER B 59 -3.97 41.21 -35.46
C SER B 59 -3.74 39.70 -35.53
N TYR B 60 -2.83 39.19 -34.68
CA TYR B 60 -2.61 37.76 -34.59
C TYR B 60 -3.84 37.04 -34.00
N PHE B 61 -4.52 37.69 -33.07
CA PHE B 61 -5.70 37.13 -32.42
C PHE B 61 -7.01 37.56 -33.07
N GLY B 62 -7.01 38.74 -33.68
CA GLY B 62 -8.21 39.26 -34.33
C GLY B 62 -9.20 39.91 -33.37
N THR B 63 -9.54 39.21 -32.28
CA THR B 63 -10.46 39.76 -31.28
C THR B 63 -9.90 39.68 -29.85
N THR B 64 -10.47 40.51 -28.97
CA THR B 64 -10.03 40.59 -27.58
C THR B 64 -10.24 39.26 -26.88
N THR B 65 -11.35 38.59 -27.22
CA THR B 65 -11.71 37.29 -26.64
C THR B 65 -10.69 36.23 -27.03
N ASN B 66 -10.32 36.19 -28.31
CA ASN B 66 -9.25 35.29 -28.73
C ASN B 66 -7.93 35.59 -28.00
N LEU B 67 -7.60 36.87 -27.91
CA LEU B 67 -6.39 37.29 -27.21
C LEU B 67 -6.39 36.81 -25.76
N LYS B 68 -7.54 36.91 -25.09
CA LYS B 68 -7.65 36.55 -23.67
C LYS B 68 -7.55 35.03 -23.41
N ARG B 69 -7.94 34.23 -24.39
CA ARG B 69 -7.82 32.78 -24.28
C ARG B 69 -6.34 32.35 -24.24
N PHE B 70 -5.53 32.99 -25.08
CA PHE B 70 -4.11 32.67 -25.19
C PHE B 70 -3.37 33.10 -23.94
N TYR B 71 -3.72 34.27 -23.42
CA TYR B 71 -3.01 34.87 -22.29
C TYR B 71 -3.35 34.23 -20.96
N LYS B 72 -4.40 33.40 -20.94
CA LYS B 72 -4.68 32.58 -19.77
C LYS B 72 -3.58 31.54 -19.62
N VAL B 73 -3.12 31.03 -20.77
CA VAL B 73 -2.03 30.05 -20.79
C VAL B 73 -0.74 30.70 -20.31
N VAL B 74 -0.51 31.94 -20.73
CA VAL B 74 0.65 32.70 -20.30
C VAL B 74 0.58 32.98 -18.79
N GLU B 75 -0.59 33.39 -18.32
CA GLU B 75 -0.79 33.56 -16.90
C GLU B 75 -0.46 32.29 -16.10
N LYS B 76 -0.77 31.12 -16.66
CA LYS B 76 -0.41 29.88 -16.02
C LYS B 76 1.11 29.68 -15.99
N ILE B 77 1.76 29.87 -17.13
CA ILE B 77 3.21 29.81 -17.19
C ILE B 77 3.84 30.70 -16.11
N LEU B 78 3.26 31.90 -15.91
CA LEU B 78 3.78 32.87 -14.96
C LEU B 78 3.56 32.47 -13.49
N THR B 79 2.64 31.52 -13.26
CA THR B 79 2.28 31.06 -11.91
C THR B 79 2.42 29.53 -11.75
N GLN B 80 3.26 28.93 -12.58
CA GLN B 80 3.33 27.47 -12.71
C GLN B 80 3.87 26.72 -11.48
N SER B 81 3.48 25.46 -11.35
CA SER B 81 4.13 24.54 -10.44
C SER B 81 5.15 23.73 -11.24
N SER B 82 6.06 23.06 -10.54
CA SER B 82 6.89 22.06 -11.18
C SER B 82 5.99 20.97 -11.73
N PHE B 83 6.34 20.45 -12.90
CA PHE B 83 5.63 19.34 -13.54
C PHE B 83 4.27 19.70 -14.14
N GLU B 84 3.85 20.94 -14.01
CA GLU B 84 2.51 21.30 -14.46
C GLU B 84 2.41 21.31 -15.99
N CYS B 85 1.24 20.89 -16.50
CA CYS B 85 0.93 20.99 -17.92
C CYS B 85 -0.46 21.54 -18.09
N ILE B 86 -0.79 21.91 -19.33
CA ILE B 86 -2.16 22.01 -19.78
C ILE B 86 -2.31 21.13 -21.00
N HIS B 87 -3.55 20.87 -21.41
CA HIS B 87 -3.82 20.16 -22.68
C HIS B 87 -3.43 20.98 -23.91
N LEU B 88 -2.91 20.28 -24.93
CA LEU B 88 -2.55 20.91 -26.17
C LEU B 88 -3.77 21.50 -26.89
N SER B 89 -4.94 20.93 -26.64
CA SER B 89 -6.19 21.39 -27.25
C SER B 89 -6.63 22.78 -26.79
N VAL B 90 -6.17 23.20 -25.61
CA VAL B 90 -6.52 24.53 -25.08
C VAL B 90 -6.03 25.64 -26.02
N LEU B 91 -5.06 25.31 -26.85
CA LEU B 91 -4.41 26.26 -27.73
C LEU B 91 -5.09 26.37 -29.09
N HIS B 92 -6.24 25.71 -29.26
CA HIS B 92 -7.00 25.81 -30.49
C HIS B 92 -8.53 25.69 -30.30
N LYS B 93 -8.95 25.06 -29.21
CA LYS B 93 -10.39 24.88 -28.98
C LYS B 93 -11.05 26.19 -28.54
N CYS B 94 -12.26 26.41 -29.06
CA CYS B 94 -13.11 27.56 -28.66
C CYS B 94 -12.63 28.92 -29.16
N TYR B 95 -11.72 28.91 -30.13
CA TYR B 95 -11.22 30.16 -30.71
C TYR B 95 -12.17 30.62 -31.80
N ASP B 96 -12.24 31.94 -32.00
CA ASP B 96 -13.07 32.51 -33.05
C ASP B 96 -12.30 32.53 -34.37
N TYR B 97 -12.44 31.47 -35.15
CA TYR B 97 -11.64 31.28 -36.35
C TYR B 97 -12.01 32.22 -37.49
N ASP B 98 -13.28 32.61 -37.55
CA ASP B 98 -13.75 33.57 -38.55
C ASP B 98 -13.14 34.96 -38.39
N ALA B 99 -12.55 35.21 -37.22
CA ALA B 99 -12.09 36.55 -36.85
C ALA B 99 -10.57 36.70 -36.89
N ILE B 100 -9.87 35.59 -37.10
CA ILE B 100 -8.42 35.62 -37.23
C ILE B 100 -8.05 35.91 -38.69
N PRO B 101 -7.53 37.12 -38.96
CA PRO B 101 -7.22 37.59 -40.31
C PRO B 101 -6.28 36.67 -41.10
N TRP B 102 -5.14 36.32 -40.51
CA TRP B 102 -4.13 35.53 -41.22
C TRP B 102 -4.59 34.10 -41.56
N LEU B 103 -5.78 33.73 -41.11
CA LEU B 103 -6.33 32.40 -41.38
C LEU B 103 -7.51 32.42 -42.36
N GLN B 104 -7.84 33.61 -42.86
CA GLN B 104 -9.00 33.77 -43.76
C GLN B 104 -8.77 33.16 -45.15
N ASN B 105 -7.50 32.99 -45.51
CA ASN B 105 -7.10 32.40 -46.79
C ASN B 105 -6.98 30.87 -46.72
N VAL B 106 -7.35 30.31 -45.57
CA VAL B 106 -7.20 28.86 -45.32
C VAL B 106 -8.56 28.20 -45.11
N GLU B 107 -8.71 26.99 -45.64
CA GLU B 107 -9.94 26.21 -45.48
C GLU B 107 -10.21 25.89 -44.01
N PRO B 108 -11.44 26.20 -43.54
CA PRO B 108 -11.81 26.21 -42.12
C PRO B 108 -11.32 25.00 -41.32
N ASN B 109 -11.40 23.81 -41.92
CA ASN B 109 -11.03 22.57 -41.23
C ASN B 109 -9.53 22.43 -40.92
N LEU B 110 -8.70 23.14 -41.70
CA LEU B 110 -7.24 23.15 -41.49
C LEU B 110 -6.78 24.29 -40.58
N ARG B 111 -7.73 25.14 -40.17
CA ARG B 111 -7.41 26.29 -39.32
C ARG B 111 -6.89 25.89 -37.93
N PRO B 112 -7.62 25.01 -37.21
CA PRO B 112 -7.21 24.72 -35.85
C PRO B 112 -5.80 24.14 -35.75
N LYS B 113 -5.38 23.39 -36.76
CA LYS B 113 -4.04 22.80 -36.77
C LYS B 113 -2.95 23.85 -36.87
N LEU B 114 -3.21 24.89 -37.66
CA LEU B 114 -2.25 25.97 -37.86
C LEU B 114 -2.13 26.86 -36.62
N LEU B 115 -3.26 27.25 -36.05
CA LEU B 115 -3.29 28.05 -34.82
C LEU B 115 -2.50 27.37 -33.70
N LEU B 116 -2.71 26.07 -33.53
CA LEU B 116 -1.95 25.28 -32.56
C LEU B 116 -0.45 25.38 -32.86
N LYS B 117 -0.10 25.21 -34.13
CA LYS B 117 1.29 25.26 -34.57
C LYS B 117 1.91 26.63 -34.28
N HIS B 118 1.13 27.68 -34.52
CA HIS B 118 1.60 29.05 -34.34
C HIS B 118 1.62 29.47 -32.86
N ASN B 119 0.64 29.02 -32.08
CA ASN B 119 0.61 29.36 -30.66
C ASN B 119 1.80 28.73 -29.95
N LEU B 120 2.09 27.48 -30.29
CA LEU B 120 3.24 26.80 -29.74
C LEU B 120 4.51 27.62 -30.00
N PHE B 121 4.63 28.16 -31.20
CA PHE B 121 5.81 28.91 -31.59
C PHE B 121 5.99 30.14 -30.71
N LEU B 122 4.90 30.89 -30.52
CA LEU B 122 4.94 32.07 -29.66
C LEU B 122 5.28 31.66 -28.24
N LEU B 123 4.64 30.57 -27.80
CA LEU B 123 4.87 30.04 -26.47
C LEU B 123 6.32 29.61 -26.26
N ASP B 124 6.90 28.93 -27.25
CA ASP B 124 8.24 28.37 -27.13
C ASP B 124 9.37 29.34 -27.45
N ASN B 125 9.12 30.29 -28.36
CA ASN B 125 10.18 31.16 -28.87
C ASN B 125 10.14 32.58 -28.32
N ILE B 126 9.01 32.95 -27.72
CA ILE B 126 8.80 34.33 -27.25
C ILE B 126 8.29 34.41 -25.81
N VAL B 127 7.16 33.75 -25.52
CA VAL B 127 6.59 33.83 -24.17
C VAL B 127 7.53 33.26 -23.11
N LYS B 128 8.05 32.05 -23.32
CA LYS B 128 8.94 31.45 -22.34
C LYS B 128 10.30 32.13 -22.29
N PRO B 129 10.96 32.35 -23.46
CA PRO B 129 12.22 33.07 -23.48
C PRO B 129 12.18 34.48 -22.87
N ILE B 130 11.08 35.20 -23.03
CA ILE B 130 10.99 36.52 -22.41
C ILE B 130 10.97 36.45 -20.89
N ILE B 131 10.22 35.49 -20.33
CA ILE B 131 10.18 35.31 -18.89
C ILE B 131 11.57 34.97 -18.38
N ALA B 132 12.23 34.01 -19.03
CA ALA B 132 13.60 33.62 -18.66
C ALA B 132 14.59 34.79 -18.82
N PHE B 133 14.29 35.71 -19.73
CA PHE B 133 15.14 36.88 -19.95
C PHE B 133 15.16 37.81 -18.73
N TYR B 134 14.02 37.96 -18.09
CA TYR B 134 13.89 38.90 -16.99
C TYR B 134 13.88 38.21 -15.63
N TYR B 135 13.53 36.92 -15.61
CA TYR B 135 13.36 36.20 -14.36
C TYR B 135 14.11 34.85 -14.30
N LYS B 136 14.49 34.47 -13.09
CA LYS B 136 15.09 33.18 -12.84
C LYS B 136 14.11 32.32 -12.03
N PRO B 137 13.66 31.19 -12.63
CA PRO B 137 12.78 30.29 -11.91
C PRO B 137 13.54 29.53 -10.83
N ILE B 138 13.10 29.67 -9.59
CA ILE B 138 13.71 28.96 -8.49
C ILE B 138 12.72 28.00 -7.86
N LYS B 139 13.15 26.76 -7.66
CA LYS B 139 12.32 25.75 -7.00
C LYS B 139 12.50 25.81 -5.49
N THR B 140 11.48 26.29 -4.79
CA THR B 140 11.57 26.53 -3.35
C THR B 140 11.77 25.25 -2.53
N LEU B 141 11.52 24.10 -3.14
CA LEU B 141 11.58 22.79 -2.46
C LEU B 141 10.44 22.56 -1.47
N ASN B 142 9.64 23.60 -1.21
CA ASN B 142 8.38 23.45 -0.48
C ASN B 142 7.30 22.97 -1.45
N GLY B 143 7.19 21.66 -1.60
CA GLY B 143 6.40 21.07 -2.67
C GLY B 143 6.96 21.43 -4.02
N HIS B 144 6.07 21.63 -4.99
CA HIS B 144 6.47 21.91 -6.36
C HIS B 144 6.41 23.40 -6.67
N GLU B 145 6.37 24.22 -5.64
CA GLU B 145 6.29 25.67 -5.79
C GLU B 145 7.50 26.20 -6.56
N ILE B 146 7.24 27.08 -7.51
CA ILE B 146 8.29 27.79 -8.23
C ILE B 146 8.14 29.27 -8.00
N LYS B 147 9.18 29.90 -7.46
CA LYS B 147 9.22 31.34 -7.30
C LYS B 147 10.07 31.96 -8.40
N PHE B 148 9.54 33.00 -9.04
CA PHE B 148 10.29 33.70 -10.08
C PHE B 148 10.97 34.92 -9.50
N ILE B 149 12.29 34.96 -9.60
CA ILE B 149 13.10 36.03 -9.05
C ILE B 149 13.71 36.85 -10.16
N ARG B 150 13.71 38.17 -10.00
CA ARG B 150 14.33 39.09 -10.95
C ARG B 150 15.78 38.67 -11.21
N LYS B 151 16.12 38.46 -12.48
CA LYS B 151 17.46 37.97 -12.87
C LYS B 151 18.58 38.87 -12.35
N GLU B 152 18.34 40.18 -12.36
CA GLU B 152 19.30 41.16 -11.86
C GLU B 152 19.54 40.99 -10.36
N GLU B 153 18.46 40.75 -9.62
CA GLU B 153 18.54 40.49 -8.18
C GLU B 153 19.16 39.15 -7.87
N TYR B 154 18.90 38.15 -8.73
CA TYR B 154 19.53 36.84 -8.55
C TYR B 154 21.04 36.92 -8.73
N ILE B 155 21.47 37.52 -9.84
CA ILE B 155 22.89 37.70 -10.10
C ILE B 155 23.58 38.51 -8.99
N SER B 156 22.90 39.56 -8.52
CA SER B 156 23.36 40.36 -7.40
C SER B 156 23.60 39.48 -6.17
N PHE B 157 22.61 38.64 -5.87
CA PHE B 157 22.68 37.68 -4.76
C PHE B 157 23.71 36.59 -5.00
N GLU B 158 23.76 36.09 -6.23
CA GLU B 158 24.65 34.99 -6.61
C GLU B 158 26.12 35.39 -6.49
N SER B 159 26.41 36.65 -6.78
CA SER B 159 27.78 37.16 -6.72
C SER B 159 28.22 37.42 -5.28
N LYS B 160 27.29 37.90 -4.46
CA LYS B 160 27.54 38.15 -3.04
C LYS B 160 27.93 36.86 -2.31
N VAL B 161 27.36 35.75 -2.73
CA VAL B 161 27.66 34.45 -2.14
C VAL B 161 28.96 33.86 -2.74
N PHE B 162 29.13 34.02 -4.04
CA PHE B 162 30.31 33.52 -4.75
C PHE B 162 31.61 34.10 -4.20
N HIS B 163 31.67 35.43 -4.09
CA HIS B 163 32.85 36.12 -3.56
C HIS B 163 33.06 35.80 -2.07
N LYS B 164 31.97 35.48 -1.38
CA LYS B 164 32.04 35.10 0.04
C LYS B 164 32.56 33.68 0.22
N LEU B 165 32.27 32.81 -0.76
CA LEU B 165 32.76 31.44 -0.76
C LEU B 165 34.27 31.37 -1.02
N LYS B 166 34.78 32.35 -1.76
CA LYS B 166 36.21 32.46 -2.03
C LYS B 166 36.96 32.94 -0.80
N LYS B 167 36.34 33.89 -0.08
CA LYS B 167 36.98 34.56 1.06
C LYS B 167 37.20 33.60 2.23
N MET B 168 36.29 32.65 2.40
CA MET B 168 36.39 31.68 3.48
C MET B 168 37.00 30.36 2.99
N LYS B 169 37.65 30.42 1.83
CA LYS B 169 38.39 29.29 1.24
C LYS B 169 37.56 28.01 1.12
N TYR B 170 36.26 28.16 0.86
CA TYR B 170 35.39 27.02 0.59
C TYR B 170 35.69 26.47 -0.79
N LEU B 171 35.96 27.39 -1.72
CA LEU B 171 36.48 27.04 -3.03
C LEU B 171 37.25 28.19 -3.66
N VAL B 172 38.49 27.93 -4.05
CA VAL B 172 39.24 28.78 -4.98
C VAL B 172 39.69 27.89 -6.16
N GLU B 173 39.98 28.53 -7.29
CA GLU B 173 40.18 27.81 -8.56
C GLU B 173 41.55 27.14 -8.67
N VAL B 174 41.65 26.20 -9.61
CA VAL B 174 42.90 25.47 -9.87
C VAL B 174 43.71 26.13 -10.99
N GLN B 175 43.73 27.46 -11.00
CA GLN B 175 44.54 28.26 -11.93
C GLN B 175 44.07 28.16 -13.39
N ASP B 176 44.32 27.01 -14.01
CA ASP B 176 44.06 26.82 -15.44
C ASP B 176 43.18 25.59 -15.67
N GLU B 177 43.75 24.41 -15.69
CA GLU B 177 43.13 23.09 -15.76
C GLU B 177 42.12 23.01 -16.89
N VAL B 178 41.39 21.79 -16.87
CA VAL B 178 40.51 21.42 -17.97
C VAL B 178 39.32 20.61 -17.46
N LYS B 179 39.59 19.61 -16.62
CA LYS B 179 38.56 18.66 -16.17
C LYS B 179 37.51 19.29 -15.25
N PRO B 180 36.24 19.34 -15.72
CA PRO B 180 35.16 19.92 -14.93
C PRO B 180 34.44 18.88 -14.06
N ARG B 181 33.71 17.96 -14.70
CA ARG B 181 32.88 16.97 -14.01
C ARG B 181 31.95 17.59 -12.95
N GLY B 182 30.92 18.29 -13.42
CA GLY B 182 29.95 18.91 -12.53
C GLY B 182 30.02 20.42 -12.49
N VAL B 183 28.87 21.07 -12.66
CA VAL B 183 28.77 22.53 -12.57
C VAL B 183 28.22 22.96 -11.21
N LEU B 184 28.83 23.99 -10.61
CA LEU B 184 28.36 24.51 -9.33
C LEU B 184 27.15 25.42 -9.50
N ASN B 185 26.23 25.34 -8.55
CA ASN B 185 24.98 26.08 -8.62
C ASN B 185 24.59 26.65 -7.25
N ILE B 186 24.37 27.97 -7.22
CA ILE B 186 23.95 28.64 -5.99
C ILE B 186 22.43 28.77 -5.96
N ILE B 187 21.83 28.23 -4.91
CA ILE B 187 20.37 28.25 -4.75
C ILE B 187 19.99 29.07 -3.52
N PRO B 188 19.09 30.05 -3.69
CA PRO B 188 18.59 30.83 -2.57
C PRO B 188 17.72 29.98 -1.64
N LYS B 189 18.22 29.70 -0.44
CA LYS B 189 17.44 29.02 0.59
C LYS B 189 16.86 30.07 1.55
N GLN B 190 16.05 29.60 2.50
CA GLN B 190 15.38 30.48 3.47
C GLN B 190 16.32 31.54 4.07
N ASP B 191 16.20 32.77 3.57
CA ASP B 191 17.06 33.92 3.96
C ASP B 191 18.58 33.65 3.90
N ASN B 192 18.96 32.45 3.47
CA ASN B 192 20.36 32.05 3.35
C ASN B 192 20.67 31.54 1.93
N PHE B 193 21.54 30.53 1.84
CA PHE B 193 21.88 29.93 0.54
C PHE B 193 22.20 28.44 0.65
N ARG B 194 22.39 27.80 -0.49
CA ARG B 194 22.81 26.40 -0.55
C ARG B 194 23.56 26.10 -1.85
N ALA B 195 24.78 25.57 -1.72
CA ALA B 195 25.61 25.25 -2.88
C ALA B 195 25.52 23.78 -3.26
N ILE B 196 25.04 23.51 -4.47
CA ILE B 196 24.92 22.15 -4.97
C ILE B 196 25.60 22.00 -6.33
N VAL B 197 25.67 20.77 -6.84
CA VAL B 197 26.27 20.51 -8.16
C VAL B 197 25.39 19.66 -9.07
N SER B 198 25.52 19.90 -10.37
CA SER B 198 24.80 19.12 -11.38
C SER B 198 25.76 18.27 -12.21
N ILE B 199 25.35 17.04 -12.49
CA ILE B 199 26.12 16.13 -13.37
C ILE B 199 26.01 16.56 -14.84
N PHE B 200 26.53 15.73 -15.75
CA PHE B 200 26.63 16.12 -17.16
C PHE B 200 25.53 15.61 -18.13
N PRO B 201 24.99 14.39 -17.90
CA PRO B 201 25.31 13.40 -16.88
C PRO B 201 26.32 12.35 -17.38
N ASP B 202 25.83 11.20 -17.84
CA ASP B 202 26.66 10.04 -18.18
C ASP B 202 27.35 9.43 -16.95
N SER B 203 27.83 10.31 -16.06
CA SER B 203 28.59 9.92 -14.86
C SER B 203 29.90 9.22 -15.26
N ALA B 204 30.46 8.44 -14.34
CA ALA B 204 31.51 7.48 -14.68
C ALA B 204 30.83 6.16 -15.01
N ARG B 205 29.82 6.25 -15.89
CA ARG B 205 28.82 5.19 -16.11
C ARG B 205 27.92 4.99 -14.88
N LYS B 206 26.65 5.35 -15.04
CA LYS B 206 25.68 5.43 -13.93
C LYS B 206 25.74 4.30 -12.87
N PRO B 207 25.80 3.02 -13.30
CA PRO B 207 25.86 1.91 -12.33
C PRO B 207 27.11 1.89 -11.44
N PHE B 208 28.17 2.59 -11.83
CA PHE B 208 29.36 2.73 -10.99
C PHE B 208 29.01 3.42 -9.67
N PHE B 209 28.21 4.49 -9.76
CA PHE B 209 27.75 5.22 -8.58
C PHE B 209 26.54 4.56 -7.90
N LYS B 210 25.86 3.68 -8.65
CA LYS B 210 24.65 3.01 -8.13
C LYS B 210 24.97 1.72 -7.36
N LEU B 211 25.86 0.90 -7.92
CA LEU B 211 26.28 -0.33 -7.24
C LEU B 211 27.26 -0.03 -6.10
N LEU B 212 27.91 1.13 -6.19
CA LEU B 212 28.80 1.60 -5.13
C LEU B 212 28.01 1.96 -3.88
N THR B 213 26.96 2.76 -4.07
CA THR B 213 26.14 3.25 -2.96
C THR B 213 25.35 2.13 -2.28
N SER B 214 24.86 1.17 -3.07
CA SER B 214 24.06 0.06 -2.54
C SER B 214 24.87 -0.84 -1.62
N LYS B 215 26.16 -0.99 -1.93
CA LYS B 215 27.08 -1.79 -1.10
C LYS B 215 27.60 -0.99 0.10
N ILE B 216 27.49 0.33 0.04
CA ILE B 216 27.85 1.19 1.16
C ILE B 216 26.79 1.13 2.25
N TYR B 217 25.52 1.08 1.86
CA TYR B 217 24.42 0.90 2.81
C TYR B 217 24.56 -0.40 3.58
N LYS B 218 25.22 -1.38 2.96
CA LYS B 218 25.56 -2.64 3.62
C LYS B 218 26.50 -2.40 4.80
N VAL B 219 27.63 -1.75 4.53
CA VAL B 219 28.62 -1.41 5.56
C VAL B 219 28.01 -0.48 6.61
N LEU B 220 27.04 0.33 6.18
CA LEU B 220 26.36 1.31 7.03
C LEU B 220 25.58 0.63 8.16
N GLU B 221 25.01 -0.54 7.88
CA GLU B 221 24.19 -1.25 8.85
C GLU B 221 24.84 -2.53 9.39
N GLU B 222 25.84 -3.04 8.69
CA GLU B 222 26.53 -4.27 9.10
C GLU B 222 27.50 -4.00 10.24
N LYS B 223 28.23 -2.89 10.17
CA LYS B 223 29.20 -2.53 11.21
C LYS B 223 28.66 -1.42 12.12
N TYR B 224 27.41 -1.04 11.91
CA TYR B 224 26.76 0.00 12.70
C TYR B 224 25.40 -0.42 13.25
N LYS B 225 24.84 0.41 14.13
CA LYS B 225 23.63 0.06 14.89
C LYS B 225 22.32 0.15 14.11
N THR B 226 21.31 -0.57 14.59
CA THR B 226 19.96 -0.50 14.03
C THR B 226 19.24 0.74 14.54
N SER B 227 18.85 1.61 13.59
CA SER B 227 18.08 2.81 13.90
C SER B 227 16.83 2.46 14.72
N GLY B 228 16.09 1.46 14.25
CA GLY B 228 14.79 1.13 14.82
C GLY B 228 13.74 2.11 14.32
N SER B 229 12.52 1.61 14.13
CA SER B 229 11.41 2.44 13.73
C SER B 229 11.20 3.55 14.75
N LEU B 230 11.09 4.79 14.26
CA LEU B 230 10.75 5.94 15.08
C LEU B 230 9.50 5.63 15.91
N TYR B 231 8.50 5.02 15.26
CA TYR B 231 7.28 4.61 15.93
C TYR B 231 7.56 3.66 17.10
N THR B 232 8.36 2.64 16.85
CA THR B 232 8.73 1.67 17.88
C THR B 232 9.42 2.34 19.07
N CYS B 233 10.35 3.24 18.76
CA CYS B 233 11.10 3.99 19.77
C CYS B 233 10.18 4.86 20.64
N TRP B 234 9.31 5.62 19.99
CA TRP B 234 8.35 6.47 20.71
C TRP B 234 7.33 5.63 21.48
N SER B 235 6.94 4.50 20.92
CA SER B 235 5.95 3.63 21.54
C SER B 235 6.47 3.01 22.85
N GLU B 236 7.64 2.38 22.77
CA GLU B 236 8.24 1.73 23.94
C GLU B 236 8.63 2.73 25.01
N PHE B 237 9.08 3.90 24.57
CA PHE B 237 9.54 4.95 25.48
C PHE B 237 8.42 5.53 26.33
N THR B 238 7.29 5.86 25.70
CA THR B 238 6.18 6.50 26.40
C THR B 238 5.44 5.53 27.33
N GLN B 239 5.44 4.24 26.97
CA GLN B 239 4.75 3.22 27.76
C GLN B 239 5.44 2.94 29.09
N LYS B 240 6.77 2.93 29.06
CA LYS B 240 7.57 2.66 30.25
C LYS B 240 7.84 3.89 31.10
N THR B 241 7.61 5.07 30.53
CA THR B 241 7.80 6.33 31.26
C THR B 241 6.46 6.87 31.74
N GLN B 242 6.36 7.10 33.05
CA GLN B 242 5.11 7.60 33.65
C GLN B 242 5.25 9.05 34.08
N GLY B 243 6.44 9.45 34.49
CA GLY B 243 6.71 10.83 34.88
C GLY B 243 6.73 11.77 33.68
N GLN B 244 6.83 13.07 33.96
CA GLN B 244 6.90 14.10 32.92
C GLN B 244 8.12 13.86 32.05
N ILE B 245 7.90 13.76 30.74
CA ILE B 245 8.98 13.57 29.77
C ILE B 245 9.61 14.93 29.42
N TYR B 246 10.94 14.96 29.38
CA TYR B 246 11.67 16.10 28.86
C TYR B 246 12.42 15.65 27.62
N GLY B 247 12.65 16.58 26.70
CA GLY B 247 13.29 16.24 25.44
C GLY B 247 13.70 17.45 24.63
N ILE B 248 14.57 17.20 23.66
CA ILE B 248 15.08 18.26 22.79
C ILE B 248 15.20 17.79 21.34
N LYS B 249 14.86 18.68 20.41
CA LYS B 249 15.16 18.50 18.99
C LYS B 249 16.27 19.44 18.59
N VAL B 250 17.29 18.89 17.92
CA VAL B 250 18.45 19.67 17.53
C VAL B 250 18.72 19.55 16.02
N ASP B 251 18.76 20.69 15.35
CA ASP B 251 19.08 20.77 13.94
C ASP B 251 20.59 20.96 13.78
N ILE B 252 21.17 20.25 12.81
CA ILE B 252 22.59 20.39 12.51
C ILE B 252 22.78 21.40 11.38
N ARG B 253 23.69 22.36 11.59
CA ARG B 253 23.93 23.47 10.66
C ARG B 253 24.15 22.98 9.22
N ASP B 254 25.26 22.30 8.99
CA ASP B 254 25.63 21.87 7.66
C ASP B 254 26.19 20.46 7.73
N ALA B 255 25.36 19.49 7.40
CA ALA B 255 25.74 18.08 7.53
C ALA B 255 26.76 17.68 6.48
N TYR B 256 26.39 17.80 5.20
CA TYR B 256 27.27 17.42 4.09
C TYR B 256 28.52 18.29 4.07
N GLY B 257 28.38 19.53 4.55
CA GLY B 257 29.47 20.48 4.54
C GLY B 257 30.48 20.29 5.64
N ASN B 258 30.01 20.25 6.88
CA ASN B 258 30.89 20.19 8.05
C ASN B 258 31.49 18.80 8.32
N VAL B 259 31.39 17.91 7.35
CA VAL B 259 32.10 16.63 7.37
C VAL B 259 33.60 16.88 7.42
N LYS B 260 34.25 16.35 8.45
CA LYS B 260 35.71 16.37 8.54
C LYS B 260 36.31 15.53 7.43
N ILE B 261 36.93 16.21 6.46
CA ILE B 261 37.45 15.58 5.25
C ILE B 261 38.51 14.49 5.53
N PRO B 262 39.49 14.75 6.44
CA PRO B 262 40.47 13.70 6.74
C PRO B 262 39.86 12.49 7.45
N VAL B 263 38.94 12.72 8.39
CA VAL B 263 38.38 11.67 9.22
C VAL B 263 37.59 10.61 8.43
N LEU B 264 36.80 11.05 7.45
CA LEU B 264 36.00 10.15 6.63
C LEU B 264 36.88 9.28 5.74
N CYS B 265 38.01 9.81 5.31
CA CYS B 265 38.99 9.05 4.53
C CYS B 265 39.56 7.90 5.35
N LYS B 266 39.93 8.19 6.59
CA LYS B 266 40.45 7.18 7.52
C LYS B 266 39.46 6.03 7.67
N LEU B 267 38.17 6.35 7.53
CA LEU B 267 37.10 5.38 7.71
C LEU B 267 36.91 4.52 6.47
N ILE B 268 36.71 5.17 5.32
CA ILE B 268 36.41 4.48 4.06
C ILE B 268 37.36 3.31 3.79
N GLN B 269 38.65 3.51 4.05
CA GLN B 269 39.67 2.47 3.84
C GLN B 269 39.71 1.43 4.96
N SER B 270 39.32 1.84 6.17
CA SER B 270 39.35 0.95 7.33
C SER B 270 38.17 0.01 7.40
N ILE B 271 37.14 0.27 6.57
CA ILE B 271 35.97 -0.61 6.51
C ILE B 271 36.39 -2.02 6.07
N PRO B 272 35.60 -3.04 6.45
CA PRO B 272 35.88 -4.42 6.08
C PRO B 272 36.44 -4.55 4.67
N THR B 273 37.75 -4.81 4.58
CA THR B 273 38.45 -4.89 3.30
C THR B 273 37.92 -5.99 2.39
N HIS B 274 37.17 -6.94 2.98
CA HIS B 274 36.55 -8.02 2.24
C HIS B 274 35.27 -7.59 1.52
N LEU B 275 34.72 -6.44 1.91
CA LEU B 275 33.52 -5.90 1.29
C LEU B 275 33.84 -4.96 0.13
N LEU B 276 34.50 -5.49 -0.90
CA LEU B 276 34.89 -4.75 -2.10
C LEU B 276 35.47 -3.37 -1.77
N ASP B 277 36.69 -3.36 -1.21
CA ASP B 277 37.34 -2.12 -0.80
C ASP B 277 38.85 -2.16 -1.02
N SER B 278 39.43 -3.35 -0.95
CA SER B 278 40.89 -3.53 -1.12
C SER B 278 41.41 -2.76 -2.32
N GLU B 279 40.65 -2.76 -3.41
CA GLU B 279 40.96 -1.97 -4.59
C GLU B 279 40.23 -0.62 -4.57
N LYS B 280 38.98 -0.63 -4.11
CA LYS B 280 38.15 0.58 -4.06
C LYS B 280 38.53 1.53 -2.92
N LYS B 281 39.74 1.37 -2.39
CA LYS B 281 40.28 2.24 -1.36
C LYS B 281 40.30 3.69 -1.84
N ASN B 282 41.24 3.99 -2.74
CA ASN B 282 41.41 5.33 -3.29
C ASN B 282 40.28 5.73 -4.24
N PHE B 283 39.58 4.73 -4.79
CA PHE B 283 38.48 4.96 -5.73
C PHE B 283 37.39 5.88 -5.17
N ILE B 284 37.37 6.05 -3.86
CA ILE B 284 36.41 6.93 -3.19
C ILE B 284 37.14 8.09 -2.51
N VAL B 285 38.28 7.78 -1.87
CA VAL B 285 39.05 8.74 -1.08
C VAL B 285 39.38 10.03 -1.85
N ASP B 286 39.73 9.90 -3.12
CA ASP B 286 40.11 11.06 -3.94
C ASP B 286 38.95 12.03 -4.18
N HIS B 287 37.76 11.49 -4.40
CA HIS B 287 36.58 12.31 -4.68
C HIS B 287 36.09 13.03 -3.43
N ILE B 288 36.72 12.77 -2.30
CA ILE B 288 36.41 13.49 -1.05
C ILE B 288 37.27 14.76 -0.95
N SER B 289 38.53 14.65 -1.37
CA SER B 289 39.48 15.75 -1.29
C SER B 289 39.55 16.55 -2.59
N ASN B 290 39.34 15.87 -3.71
CA ASN B 290 39.35 16.51 -5.02
C ASN B 290 37.94 16.71 -5.56
N GLN B 291 37.34 17.84 -5.20
CA GLN B 291 36.00 18.17 -5.66
C GLN B 291 36.06 19.19 -6.80
N PHE B 292 35.98 18.68 -8.02
CA PHE B 292 36.14 19.46 -9.24
C PHE B 292 34.82 20.10 -9.68
N VAL B 293 34.75 21.43 -9.59
CA VAL B 293 33.54 22.16 -9.99
C VAL B 293 33.84 23.37 -10.87
N ALA B 294 33.08 23.49 -11.96
CA ALA B 294 33.17 24.66 -12.83
C ALA B 294 32.03 25.63 -12.54
N PHE B 295 32.34 26.92 -12.50
CA PHE B 295 31.34 27.95 -12.22
C PHE B 295 31.16 28.91 -13.38
N ARG B 296 31.76 30.10 -13.29
CA ARG B 296 31.67 31.10 -14.34
C ARG B 296 32.85 30.96 -15.29
N ARG B 297 32.85 29.86 -16.04
CA ARG B 297 33.92 29.50 -16.99
C ARG B 297 35.26 29.24 -16.31
N LYS B 298 35.24 29.05 -14.99
CA LYS B 298 36.45 28.76 -14.22
C LYS B 298 36.23 27.52 -13.34
N ILE B 299 37.24 26.67 -13.25
CA ILE B 299 37.15 25.41 -12.51
C ILE B 299 37.74 25.54 -11.10
N TYR B 300 36.89 25.30 -10.09
CA TYR B 300 37.25 25.48 -8.68
C TYR B 300 37.33 24.14 -7.94
N LYS B 301 37.82 24.19 -6.71
CA LYS B 301 37.88 23.01 -5.85
C LYS B 301 37.10 23.20 -4.54
N TRP B 302 36.06 22.40 -4.36
CA TRP B 302 35.28 22.40 -3.13
C TRP B 302 36.00 21.56 -2.06
N ASN B 303 36.22 22.16 -0.90
CA ASN B 303 36.90 21.47 0.20
C ASN B 303 36.08 21.43 1.48
N HIS B 304 34.92 22.09 1.46
CA HIS B 304 34.03 22.11 2.59
C HIS B 304 33.29 20.78 2.71
N GLY B 305 34.01 19.76 3.15
CA GLY B 305 33.48 18.41 3.29
C GLY B 305 32.90 17.88 1.99
N LEU B 306 31.87 17.06 2.12
CA LEU B 306 31.20 16.47 0.96
C LEU B 306 30.37 17.51 0.22
N LEU B 307 30.21 17.30 -1.07
CA LEU B 307 29.52 18.27 -1.93
C LEU B 307 28.13 17.78 -2.25
N GLN B 308 27.13 18.61 -1.95
CA GLN B 308 25.75 18.26 -2.23
C GLN B 308 25.50 18.19 -3.74
N GLY B 309 24.92 17.07 -4.18
CA GLY B 309 24.71 16.82 -5.61
C GLY B 309 25.42 15.57 -6.09
N ASP B 310 26.60 15.31 -5.53
CA ASP B 310 27.41 14.13 -5.86
C ASP B 310 26.64 12.84 -5.57
N PRO B 311 26.54 11.94 -6.56
CA PRO B 311 25.72 10.72 -6.46
C PRO B 311 26.10 9.82 -5.27
N LEU B 312 27.28 10.03 -4.70
CA LEU B 312 27.73 9.26 -3.55
C LEU B 312 27.73 10.06 -2.26
N SER B 313 27.59 11.38 -2.37
CA SER B 313 27.63 12.27 -1.22
C SER B 313 26.56 11.91 -0.18
N GLY B 314 25.39 11.51 -0.66
CA GLY B 314 24.26 11.15 0.21
C GLY B 314 24.58 10.00 1.13
N CYS B 315 24.99 8.87 0.55
CA CYS B 315 25.26 7.65 1.31
C CYS B 315 26.49 7.75 2.22
N LEU B 316 27.53 8.43 1.73
CA LEU B 316 28.77 8.59 2.48
C LEU B 316 28.59 9.49 3.69
N CYS B 317 27.65 10.44 3.58
CA CYS B 317 27.31 11.31 4.70
C CYS B 317 26.67 10.51 5.82
N GLU B 318 25.78 9.59 5.46
CA GLU B 318 25.15 8.70 6.42
C GLU B 318 26.20 7.85 7.13
N LEU B 319 27.20 7.41 6.36
CA LEU B 319 28.30 6.59 6.87
C LEU B 319 29.13 7.37 7.89
N TYR B 320 29.41 8.63 7.57
CA TYR B 320 30.12 9.53 8.48
C TYR B 320 29.29 9.77 9.72
N MET B 321 28.00 10.05 9.52
CA MET B 321 27.09 10.35 10.62
C MET B 321 26.87 9.15 11.52
N ALA B 322 26.80 7.96 10.91
CA ALA B 322 26.70 6.71 11.67
C ALA B 322 27.93 6.53 12.57
N PHE B 323 29.10 6.86 12.03
CA PHE B 323 30.34 6.78 12.80
C PHE B 323 30.33 7.70 14.01
N MET B 324 30.04 8.98 13.79
CA MET B 324 29.97 9.95 14.88
C MET B 324 28.88 9.57 15.87
N ASP B 325 27.84 8.89 15.38
CA ASP B 325 26.75 8.42 16.21
C ASP B 325 27.23 7.26 17.09
N ARG B 326 27.95 6.32 16.47
CA ARG B 326 28.42 5.14 17.18
C ARG B 326 29.62 5.44 18.08
N LEU B 327 30.14 6.67 18.00
CA LEU B 327 31.30 7.08 18.79
C LEU B 327 30.91 8.02 19.94
N TYR B 328 29.88 8.83 19.73
CA TYR B 328 29.47 9.83 20.71
C TYR B 328 28.09 9.55 21.31
N PHE B 329 27.21 8.92 20.52
CA PHE B 329 25.82 8.73 20.94
C PHE B 329 25.38 7.27 21.01
N SER B 330 26.27 6.36 20.64
CA SER B 330 25.96 4.92 20.62
C SER B 330 25.46 4.42 21.97
N ASN B 331 26.22 4.69 23.03
CA ASN B 331 25.84 4.29 24.37
C ASN B 331 24.72 5.17 24.93
N LEU B 332 25.07 6.03 25.90
CA LEU B 332 24.09 6.91 26.55
C LEU B 332 23.00 6.12 27.30
N ASP B 333 22.16 6.84 28.04
CA ASP B 333 21.13 6.23 28.86
C ASP B 333 20.26 5.30 28.03
N LYS B 334 20.17 4.05 28.45
CA LYS B 334 19.33 3.07 27.78
C LYS B 334 17.84 3.35 28.02
N ASP B 335 17.53 3.94 29.16
CA ASP B 335 16.17 4.35 29.51
C ASP B 335 15.74 5.60 28.74
N ALA B 336 16.68 6.21 28.03
CA ALA B 336 16.41 7.42 27.27
C ALA B 336 15.90 7.14 25.86
N PHE B 337 15.24 8.13 25.27
CA PHE B 337 14.81 8.09 23.89
C PHE B 337 15.80 8.86 23.01
N ILE B 338 16.38 8.18 22.02
CA ILE B 338 17.35 8.80 21.14
C ILE B 338 17.07 8.34 19.72
N HIS B 339 16.75 9.31 18.84
CA HIS B 339 16.52 9.00 17.44
C HIS B 339 17.17 10.05 16.55
N ARG B 340 17.63 9.62 15.38
CA ARG B 340 18.33 10.50 14.45
C ARG B 340 17.93 10.27 12.99
N THR B 341 18.07 11.31 12.17
CA THR B 341 18.04 11.18 10.71
C THR B 341 19.41 11.53 10.13
N VAL B 342 19.46 12.58 9.33
CA VAL B 342 20.74 13.09 8.81
C VAL B 342 21.00 14.47 9.38
N ASP B 343 19.94 15.27 9.46
CA ASP B 343 20.06 16.66 9.91
C ASP B 343 19.59 16.87 11.35
N ASP B 344 18.82 15.91 11.87
CA ASP B 344 18.14 16.08 13.16
C ASP B 344 18.52 15.04 14.19
N TYR B 345 18.57 15.47 15.45
CA TYR B 345 18.63 14.56 16.59
C TYR B 345 17.45 14.83 17.52
N PHE B 346 16.79 13.76 17.95
CA PHE B 346 15.69 13.87 18.89
C PHE B 346 15.99 13.04 20.13
N PHE B 347 16.04 13.70 21.28
CA PHE B 347 16.44 13.07 22.53
C PHE B 347 15.45 13.38 23.65
N CYS B 348 15.03 12.35 24.37
CA CYS B 348 14.10 12.50 25.49
C CYS B 348 14.51 11.67 26.71
N SER B 349 14.30 12.22 27.89
CA SER B 349 14.47 11.49 29.16
C SER B 349 13.51 12.07 30.21
N PRO B 350 13.01 11.21 31.12
CA PRO B 350 12.29 11.69 32.30
C PRO B 350 13.21 12.48 33.26
N HIS B 351 14.52 12.29 33.13
CA HIS B 351 15.51 13.05 33.91
C HIS B 351 15.92 14.29 33.15
N PRO B 352 15.56 15.49 33.67
CA PRO B 352 15.82 16.77 32.99
C PRO B 352 17.29 16.99 32.71
N HIS B 353 18.14 16.69 33.69
CA HIS B 353 19.58 16.95 33.60
C HIS B 353 20.26 16.17 32.46
N LYS B 354 19.67 15.03 32.12
CA LYS B 354 20.20 14.16 31.07
C LYS B 354 19.99 14.77 29.69
N VAL B 355 18.91 15.55 29.54
CA VAL B 355 18.64 16.27 28.30
C VAL B 355 19.66 17.41 28.09
N TYR B 356 19.96 18.15 29.15
CA TYR B 356 21.01 19.18 29.11
C TYR B 356 22.34 18.61 28.63
N ASP B 357 22.73 17.47 29.21
CA ASP B 357 23.99 16.80 28.88
C ASP B 357 24.05 16.38 27.42
N PHE B 358 22.91 16.05 26.84
CA PHE B 358 22.81 15.78 25.41
C PHE B 358 23.01 17.05 24.59
N GLU B 359 22.28 18.11 24.96
CA GLU B 359 22.41 19.41 24.29
C GLU B 359 23.88 19.86 24.26
N LEU B 360 24.60 19.66 25.35
CA LEU B 360 26.02 19.97 25.43
C LEU B 360 26.86 19.10 24.51
N LEU B 361 26.69 17.78 24.63
CA LEU B 361 27.44 16.82 23.82
C LEU B 361 27.27 17.05 22.31
N ILE B 362 26.01 17.16 21.87
CA ILE B 362 25.71 17.41 20.46
C ILE B 362 26.37 18.70 19.97
N LYS B 363 26.35 19.74 20.81
CA LYS B 363 26.94 21.03 20.49
C LYS B 363 28.45 20.93 20.31
N GLY B 364 29.08 20.06 21.08
CA GLY B 364 30.52 19.83 20.98
C GLY B 364 30.90 19.03 19.75
N VAL B 365 30.03 18.10 19.36
CA VAL B 365 30.32 17.20 18.24
C VAL B 365 29.98 17.86 16.91
N TYR B 366 28.80 18.48 16.83
CA TYR B 366 28.31 19.08 15.60
C TYR B 366 28.17 20.60 15.70
N GLN B 367 28.15 21.26 14.55
CA GLN B 367 27.73 22.65 14.46
C GLN B 367 26.22 22.69 14.34
N VAL B 368 25.59 23.51 15.17
CA VAL B 368 24.11 23.55 15.25
C VAL B 368 23.49 24.92 14.91
N ASN B 369 22.19 24.90 14.65
CA ASN B 369 21.39 26.13 14.57
C ASN B 369 20.59 26.33 15.86
N PRO B 370 21.10 27.19 16.76
CA PRO B 370 20.48 27.40 18.08
C PRO B 370 19.06 27.98 17.99
N THR B 371 18.65 28.34 16.77
CA THR B 371 17.32 28.87 16.52
C THR B 371 16.31 27.79 16.11
N LYS B 372 16.79 26.75 15.42
CA LYS B 372 15.93 25.64 15.01
C LYS B 372 15.76 24.58 16.11
N THR B 373 16.24 24.91 17.31
CA THR B 373 16.21 24.00 18.45
C THR B 373 14.89 24.10 19.22
N ARG B 374 14.27 22.96 19.51
CA ARG B 374 13.01 22.92 20.24
C ARG B 374 13.11 22.01 21.47
N THR B 375 12.69 22.52 22.62
CA THR B 375 12.78 21.78 23.87
C THR B 375 11.79 22.28 24.91
N ASN B 376 11.54 21.47 25.93
CA ASN B 376 10.60 21.82 27.00
C ASN B 376 11.29 22.14 28.32
N LEU B 377 12.61 22.33 28.28
CA LEU B 377 13.39 22.66 29.47
C LEU B 377 13.14 24.10 29.92
N PRO B 378 12.84 24.30 31.22
CA PRO B 378 12.55 25.62 31.79
C PRO B 378 13.72 26.62 31.71
N THR B 379 14.85 26.18 31.16
CA THR B 379 16.02 27.04 30.95
C THR B 379 15.79 28.04 29.81
N HIS B 380 15.32 27.52 28.67
CA HIS B 380 15.14 28.32 27.47
C HIS B 380 14.12 29.43 27.66
N ARG B 381 14.31 30.53 26.93
CA ARG B 381 13.43 31.68 27.03
C ARG B 381 12.03 31.35 26.52
N HIS B 382 11.93 30.34 25.66
CA HIS B 382 10.64 29.91 25.11
C HIS B 382 10.51 28.38 25.05
N PRO B 383 10.33 27.72 26.22
CA PRO B 383 10.18 26.27 26.25
C PRO B 383 8.86 25.82 25.64
N GLN B 384 8.87 24.63 25.05
CA GLN B 384 7.79 24.19 24.16
C GLN B 384 7.44 22.75 24.45
N ASP B 385 6.14 22.47 24.55
CA ASP B 385 5.68 21.08 24.73
C ASP B 385 5.69 20.30 23.42
N GLU B 386 5.43 20.99 22.32
CA GLU B 386 5.28 20.33 21.03
C GLU B 386 6.56 20.43 20.23
N ILE B 387 7.12 19.27 19.86
CA ILE B 387 8.40 19.21 19.17
C ILE B 387 8.27 18.58 17.78
N PRO B 388 8.63 19.36 16.74
CA PRO B 388 8.55 18.87 15.36
C PRO B 388 9.77 18.04 15.00
N TYR B 389 9.52 16.85 14.45
CA TYR B 389 10.60 15.93 14.07
C TYR B 389 10.09 14.88 13.08
N CYS B 390 10.76 14.74 11.94
CA CYS B 390 10.35 13.84 10.85
C CYS B 390 8.89 13.99 10.42
N GLY B 391 8.46 15.23 10.15
CA GLY B 391 7.14 15.49 9.60
C GLY B 391 5.99 15.16 10.55
N LYS B 392 6.32 15.05 11.83
CA LYS B 392 5.34 14.77 12.88
C LYS B 392 5.59 15.71 14.04
N ILE B 393 4.54 16.03 14.80
CA ILE B 393 4.68 16.87 16.00
C ILE B 393 4.49 16.05 17.27
N PHE B 394 5.57 15.90 18.03
CA PHE B 394 5.55 15.15 19.29
C PHE B 394 5.27 16.06 20.49
N ASN B 395 4.18 15.79 21.19
CA ASN B 395 3.87 16.51 22.44
C ASN B 395 4.39 15.74 23.65
N LEU B 396 5.38 16.30 24.33
CA LEU B 396 6.13 15.58 25.37
C LEU B 396 5.35 15.35 26.66
N THR B 397 4.25 16.08 26.84
CA THR B 397 3.42 15.95 28.03
C THR B 397 2.29 14.94 27.77
N THR B 398 1.48 15.22 26.76
CA THR B 398 0.34 14.37 26.43
C THR B 398 0.77 13.12 25.68
N ARG B 399 2.00 13.14 25.15
CA ARG B 399 2.58 12.02 24.38
C ARG B 399 1.88 11.81 23.02
N GLN B 400 0.87 12.65 22.73
CA GLN B 400 0.17 12.62 21.44
C GLN B 400 1.08 13.03 20.30
N VAL B 401 0.87 12.43 19.14
CA VAL B 401 1.64 12.75 17.94
C VAL B 401 0.70 13.14 16.80
N ARG B 402 0.88 14.36 16.29
CA ARG B 402 0.12 14.85 15.16
C ARG B 402 1.05 14.98 13.96
N THR B 403 0.47 15.08 12.78
CA THR B 403 1.25 15.29 11.56
C THR B 403 1.60 16.75 11.42
N LEU B 404 2.87 17.03 11.16
CA LEU B 404 3.32 18.40 10.89
C LEU B 404 2.91 18.80 9.48
N TYR B 405 2.43 20.04 9.34
CA TYR B 405 2.13 20.60 8.02
C TYR B 405 2.93 21.87 7.76
N LYS B 406 3.61 21.91 6.61
CA LYS B 406 4.45 23.06 6.24
C LYS B 406 3.73 23.98 5.25
N LEU B 407 3.03 24.98 5.78
CA LEU B 407 2.29 25.91 4.93
C LEU B 407 2.50 27.35 5.36
N PRO B 408 3.57 27.99 4.86
CA PRO B 408 3.89 29.36 5.24
C PRO B 408 2.76 30.31 4.82
N PRO B 409 2.76 31.55 5.35
CA PRO B 409 1.72 32.51 4.94
C PRO B 409 1.75 32.75 3.43
N ASN B 410 0.56 32.80 2.83
CA ASN B 410 0.40 33.09 1.40
C ASN B 410 0.90 31.97 0.49
N TYR B 411 1.05 30.76 1.04
CA TYR B 411 1.45 29.63 0.25
C TYR B 411 0.27 29.19 -0.58
N GLU B 412 0.50 29.03 -1.88
CA GLU B 412 -0.55 28.57 -2.76
C GLU B 412 -0.62 27.05 -2.73
N ILE B 413 -1.69 26.54 -2.13
CA ILE B 413 -1.79 25.14 -1.78
C ILE B 413 -1.69 24.19 -2.99
N ARG B 414 -2.02 24.68 -4.18
CA ARG B 414 -1.94 23.86 -5.40
C ARG B 414 -0.51 23.39 -5.68
N HIS B 415 0.49 24.15 -5.24
CA HIS B 415 1.90 23.78 -5.41
C HIS B 415 2.27 22.48 -4.68
N LYS B 416 1.43 22.07 -3.73
CA LYS B 416 1.68 20.85 -2.96
C LYS B 416 1.49 19.61 -3.81
N PHE B 417 0.57 19.68 -4.76
CA PHE B 417 0.12 18.50 -5.47
C PHE B 417 0.74 18.39 -6.85
N LYS B 418 0.79 17.17 -7.37
CA LYS B 418 1.33 16.87 -8.70
C LYS B 418 0.20 16.27 -9.54
N LEU B 419 -0.54 17.14 -10.23
CA LEU B 419 -1.76 16.73 -10.94
C LEU B 419 -1.49 16.22 -12.36
N TRP B 420 -0.36 16.62 -12.94
CA TRP B 420 -0.03 16.31 -14.33
C TRP B 420 1.19 15.41 -14.43
N ASN B 421 1.07 14.33 -15.19
CA ASN B 421 2.18 13.40 -15.40
C ASN B 421 2.50 13.24 -16.88
N PHE B 422 3.59 13.84 -17.31
CA PHE B 422 3.97 13.81 -18.73
C PHE B 422 4.20 12.39 -19.27
N ASN B 423 4.51 11.46 -18.38
CA ASN B 423 4.76 10.07 -18.76
C ASN B 423 3.48 9.22 -18.79
N ASN B 424 2.39 9.76 -18.25
CA ASN B 424 1.12 9.06 -18.20
C ASN B 424 0.00 10.05 -18.42
N GLN B 425 -0.19 10.45 -19.67
CA GLN B 425 -1.07 11.57 -20.00
C GLN B 425 -2.52 11.13 -20.21
N ILE B 426 -3.44 12.00 -19.81
CA ILE B 426 -4.87 11.77 -19.91
C ILE B 426 -5.46 12.76 -20.91
N SER B 427 -6.32 12.29 -21.80
CA SER B 427 -6.90 13.17 -22.81
C SER B 427 -7.92 14.15 -22.24
N ASP B 428 -8.16 15.24 -22.97
CA ASP B 428 -9.04 16.33 -22.55
C ASP B 428 -10.53 15.93 -22.39
N ASP B 429 -10.91 14.78 -22.93
CA ASP B 429 -12.30 14.34 -22.87
C ASP B 429 -12.54 13.26 -21.81
N ASN B 430 -11.55 13.06 -20.93
CA ASN B 430 -11.65 12.05 -19.90
C ASN B 430 -11.36 12.64 -18.52
N PRO B 431 -12.18 13.62 -18.09
CA PRO B 431 -11.96 14.32 -16.83
C PRO B 431 -12.20 13.42 -15.63
N ALA B 432 -13.06 12.42 -15.78
CA ALA B 432 -13.32 11.48 -14.68
C ALA B 432 -12.06 10.73 -14.29
N ARG B 433 -11.27 10.34 -15.29
CA ARG B 433 -9.99 9.66 -15.04
C ARG B 433 -9.05 10.57 -14.23
N PHE B 434 -8.94 11.82 -14.67
CA PHE B 434 -8.13 12.85 -14.02
C PHE B 434 -8.50 13.07 -12.55
N LEU B 435 -9.79 13.26 -12.28
CA LEU B 435 -10.26 13.49 -10.91
C LEU B 435 -10.01 12.25 -10.04
N GLN B 436 -10.27 11.08 -10.59
CA GLN B 436 -10.04 9.86 -9.87
C GLN B 436 -8.55 9.68 -9.59
N LYS B 437 -7.72 9.90 -10.59
CA LYS B 437 -6.26 9.79 -10.41
C LYS B 437 -5.77 10.75 -9.32
N ALA B 438 -6.36 11.94 -9.28
CA ALA B 438 -5.99 12.93 -8.28
C ALA B 438 -6.37 12.48 -6.87
N MET B 439 -7.39 11.64 -6.76
CA MET B 439 -7.86 11.17 -5.46
C MET B 439 -7.22 9.86 -5.00
N ASP B 440 -6.39 9.26 -5.84
CA ASP B 440 -5.60 8.08 -5.49
C ASP B 440 -4.80 8.27 -4.20
N PHE B 441 -4.47 7.16 -3.54
CA PHE B 441 -3.91 7.19 -2.17
C PHE B 441 -2.42 7.60 -2.02
N PRO B 442 -1.53 7.16 -2.93
CA PRO B 442 -0.10 7.51 -2.77
C PRO B 442 0.18 8.97 -2.37
N PHE B 443 -0.75 9.88 -2.67
CA PHE B 443 -0.57 11.30 -2.37
C PHE B 443 -0.33 11.60 -0.87
N ILE B 444 -1.35 11.36 -0.03
CA ILE B 444 -1.21 11.50 1.44
C ILE B 444 -0.70 10.21 2.07
N CYS B 445 0.42 9.72 1.55
CA CYS B 445 1.10 8.56 2.10
C CYS B 445 1.49 8.78 3.56
N ASN B 446 2.11 9.94 3.82
CA ASN B 446 2.69 10.24 5.14
C ASN B 446 1.70 10.77 6.19
N SER B 447 0.46 10.99 5.79
CA SER B 447 -0.58 11.40 6.73
C SER B 447 -1.45 10.22 7.19
N PHE B 448 -1.11 9.02 6.70
CA PHE B 448 -1.90 7.83 6.98
C PHE B 448 -1.03 6.68 7.52
N THR B 449 -0.17 7.00 8.47
CA THR B 449 0.78 6.03 9.01
C THR B 449 0.32 5.50 10.36
N LYS B 450 1.22 4.77 11.04
CA LYS B 450 0.97 4.27 12.38
C LYS B 450 0.88 5.42 13.37
N PHE B 451 1.68 6.47 13.14
CA PHE B 451 1.69 7.65 13.99
C PHE B 451 0.32 8.30 14.10
N GLU B 452 -0.38 8.39 12.98
CA GLU B 452 -1.67 9.07 12.93
C GLU B 452 -2.82 8.28 13.53
N PHE B 453 -2.81 6.96 13.34
CA PHE B 453 -4.02 6.16 13.59
C PHE B 453 -3.96 5.22 14.78
N ASN B 454 -2.77 5.00 15.34
CA ASN B 454 -2.65 4.16 16.53
C ASN B 454 -3.52 4.66 17.71
N THR B 455 -3.87 3.74 18.59
CA THR B 455 -4.51 4.09 19.87
C THR B 455 -3.74 3.47 21.02
N VAL B 456 -2.43 3.31 20.83
CA VAL B 456 -1.51 2.87 21.86
C VAL B 456 -1.15 4.06 22.76
N PHE B 457 -0.50 5.06 22.18
CA PHE B 457 -0.20 6.30 22.89
C PHE B 457 -1.15 7.44 22.50
N ASN B 458 -1.68 7.40 21.28
CA ASN B 458 -2.64 8.38 20.81
C ASN B 458 -4.04 8.11 21.34
N ASP B 459 -4.70 9.16 21.81
CA ASP B 459 -6.13 9.08 22.13
C ASP B 459 -6.96 9.00 20.85
N GLN B 460 -8.12 8.38 20.96
CA GLN B 460 -9.08 8.34 19.86
C GLN B 460 -9.30 9.73 19.24
N ARG B 461 -9.47 10.74 20.08
CA ARG B 461 -9.73 12.10 19.61
C ARG B 461 -8.57 12.67 18.80
N THR B 462 -7.35 12.27 19.16
CA THR B 462 -6.16 12.66 18.40
C THR B 462 -6.18 12.05 17.00
N VAL B 463 -6.58 10.78 16.92
CA VAL B 463 -6.71 10.08 15.65
C VAL B 463 -7.70 10.79 14.74
N PHE B 464 -8.86 11.17 15.29
CA PHE B 464 -9.85 11.96 14.54
C PHE B 464 -9.28 13.30 14.07
N ALA B 465 -8.61 14.03 14.96
CA ALA B 465 -7.96 15.30 14.61
C ALA B 465 -7.02 15.10 13.42
N ASN B 466 -6.22 14.03 13.47
CA ASN B 466 -5.33 13.68 12.38
C ASN B 466 -6.09 13.38 11.09
N PHE B 467 -7.06 12.48 11.16
CA PHE B 467 -7.82 12.10 9.97
C PHE B 467 -8.46 13.33 9.32
N TYR B 468 -9.06 14.18 10.15
CA TYR B 468 -9.70 15.39 9.67
C TYR B 468 -8.71 16.26 8.91
N ASP B 469 -7.53 16.48 9.50
CA ASP B 469 -6.49 17.29 8.86
C ASP B 469 -6.10 16.72 7.50
N ALA B 470 -5.84 15.41 7.48
CA ALA B 470 -5.47 14.71 6.26
C ALA B 470 -6.55 14.87 5.20
N MET B 471 -7.80 14.85 5.63
CA MET B 471 -8.91 14.99 4.71
C MET B 471 -9.07 16.44 4.21
N ILE B 472 -8.61 17.41 5.00
CA ILE B 472 -8.55 18.82 4.55
C ILE B 472 -7.61 18.95 3.35
N CYS B 473 -6.47 18.25 3.43
CA CYS B 473 -5.51 18.19 2.34
C CYS B 473 -6.10 17.54 1.10
N VAL B 474 -6.70 16.37 1.27
CA VAL B 474 -7.40 15.70 0.16
C VAL B 474 -8.37 16.65 -0.53
N ALA B 475 -9.08 17.46 0.28
CA ALA B 475 -10.09 18.37 -0.23
C ALA B 475 -9.47 19.57 -0.98
N TYR B 476 -8.31 20.04 -0.51
CA TYR B 476 -7.60 21.10 -1.21
C TYR B 476 -7.09 20.60 -2.56
N LYS B 477 -6.72 19.31 -2.63
CA LYS B 477 -6.29 18.70 -3.87
C LYS B 477 -7.47 18.52 -4.80
N PHE B 478 -8.61 18.15 -4.23
CA PHE B 478 -9.86 18.03 -4.97
C PHE B 478 -10.19 19.34 -5.64
N ASP B 479 -10.12 20.42 -4.86
CA ASP B 479 -10.40 21.76 -5.37
C ASP B 479 -9.42 22.15 -6.47
N ALA B 480 -8.15 21.80 -6.28
CA ALA B 480 -7.09 22.05 -7.27
C ALA B 480 -7.32 21.33 -8.61
N ALA B 481 -7.54 20.03 -8.56
CA ALA B 481 -7.91 19.26 -9.76
C ALA B 481 -9.21 19.80 -10.37
N MET B 482 -10.12 20.24 -9.50
CA MET B 482 -11.40 20.76 -9.94
C MET B 482 -11.21 22.02 -10.78
N MET B 483 -10.18 22.80 -10.44
CA MET B 483 -9.77 23.97 -11.20
C MET B 483 -9.16 23.59 -12.54
N ALA B 484 -8.31 22.57 -12.53
CA ALA B 484 -7.72 22.03 -13.74
C ALA B 484 -8.77 21.55 -14.75
N LEU B 485 -9.88 21.02 -14.23
CA LEU B 485 -10.94 20.49 -15.09
C LEU B 485 -11.58 21.60 -15.90
N ARG B 486 -11.80 22.76 -15.26
CA ARG B 486 -12.43 23.89 -15.94
C ARG B 486 -11.53 24.70 -16.86
N THR B 487 -10.23 24.66 -16.60
CA THR B 487 -9.28 25.47 -17.39
C THR B 487 -8.45 24.69 -18.41
N SER B 488 -8.45 23.37 -18.32
CA SER B 488 -7.66 22.55 -19.25
C SER B 488 -8.46 21.45 -19.96
N PHE B 489 -9.35 20.80 -19.24
CA PHE B 489 -10.26 19.81 -19.83
C PHE B 489 -11.49 20.51 -20.41
N LEU B 490 -11.69 21.76 -19.98
CA LEU B 490 -12.84 22.57 -20.36
C LEU B 490 -14.15 21.81 -20.19
N VAL B 491 -14.41 21.37 -18.96
CA VAL B 491 -15.61 20.61 -18.62
C VAL B 491 -16.82 21.54 -18.51
N ASN B 492 -17.97 21.07 -19.02
CA ASN B 492 -19.24 21.74 -18.81
C ASN B 492 -20.21 20.88 -18.03
N ASP B 493 -20.29 19.60 -18.39
CA ASP B 493 -21.10 18.65 -17.66
C ASP B 493 -20.37 18.14 -16.43
N PHE B 494 -20.57 18.83 -15.31
CA PHE B 494 -19.94 18.46 -14.05
C PHE B 494 -20.70 17.38 -13.28
N GLY B 495 -21.58 16.66 -13.97
CA GLY B 495 -22.44 15.64 -13.36
C GLY B 495 -21.71 14.44 -12.75
N PHE B 496 -20.60 14.04 -13.36
CA PHE B 496 -19.80 12.92 -12.87
C PHE B 496 -19.10 13.19 -11.52
N ILE B 497 -18.94 14.46 -11.16
CA ILE B 497 -18.19 14.86 -9.96
C ILE B 497 -18.72 14.23 -8.68
N TRP B 498 -20.04 14.23 -8.50
CA TRP B 498 -20.65 13.77 -7.27
C TRP B 498 -20.25 12.34 -6.88
N LEU B 499 -20.38 11.40 -7.81
CA LEU B 499 -20.07 10.00 -7.51
C LEU B 499 -18.57 9.80 -7.20
N VAL B 500 -17.70 10.53 -7.90
CA VAL B 500 -16.27 10.46 -7.61
C VAL B 500 -15.96 11.04 -6.23
N LEU B 501 -16.69 12.10 -5.86
CA LEU B 501 -16.59 12.65 -4.52
C LEU B 501 -17.02 11.63 -3.45
N SER B 502 -18.16 10.98 -3.68
CA SER B 502 -18.69 9.97 -2.75
C SER B 502 -17.76 8.76 -2.56
N SER B 503 -17.18 8.27 -3.66
CA SER B 503 -16.24 7.12 -3.63
C SER B 503 -14.94 7.46 -2.92
N THR B 504 -14.49 8.70 -3.07
CA THR B 504 -13.29 9.15 -2.43
C THR B 504 -13.49 9.14 -0.92
N VAL B 505 -14.62 9.69 -0.48
CA VAL B 505 -14.98 9.71 0.95
C VAL B 505 -15.05 8.29 1.48
N ARG B 506 -15.73 7.42 0.74
CA ARG B 506 -15.79 6.01 1.09
C ARG B 506 -14.39 5.37 1.23
N ALA B 507 -13.52 5.65 0.27
CA ALA B 507 -12.22 5.02 0.25
C ALA B 507 -11.33 5.50 1.39
N TYR B 508 -11.30 6.81 1.61
CA TYR B 508 -10.46 7.33 2.67
C TYR B 508 -10.92 6.92 4.07
N ALA B 509 -12.24 6.89 4.26
CA ALA B 509 -12.82 6.43 5.53
C ALA B 509 -12.58 4.95 5.73
N SER B 510 -12.50 4.21 4.63
CA SER B 510 -12.18 2.79 4.69
C SER B 510 -10.74 2.54 5.08
N ARG B 511 -9.82 3.31 4.50
CA ARG B 511 -8.40 3.23 4.83
C ARG B 511 -8.11 3.63 6.27
N ALA B 512 -8.77 4.70 6.72
CA ALA B 512 -8.70 5.12 8.11
C ALA B 512 -9.12 3.99 9.06
N PHE B 513 -10.28 3.41 8.79
CA PHE B 513 -10.81 2.30 9.59
C PHE B 513 -9.82 1.12 9.68
N LYS B 514 -9.26 0.71 8.55
CA LYS B 514 -8.31 -0.40 8.51
C LYS B 514 -7.07 -0.13 9.32
N LYS B 515 -6.50 1.07 9.13
CA LYS B 515 -5.30 1.49 9.87
C LYS B 515 -5.58 1.58 11.37
N ILE B 516 -6.77 2.07 11.72
CA ILE B 516 -7.17 2.17 13.12
C ILE B 516 -7.28 0.80 13.80
N VAL B 517 -7.91 -0.15 13.10
CA VAL B 517 -8.02 -1.52 13.60
C VAL B 517 -6.64 -2.16 13.74
N THR B 518 -5.81 -1.99 12.71
CA THR B 518 -4.48 -2.58 12.69
C THR B 518 -3.65 -2.16 13.91
N TYR B 519 -3.64 -0.86 14.20
CA TYR B 519 -2.81 -0.33 15.27
C TYR B 519 -3.64 0.07 16.48
N LYS B 520 -4.65 -0.74 16.75
CA LYS B 520 -5.46 -0.62 17.96
C LYS B 520 -4.58 -0.82 19.20
N GLY B 521 -4.76 0.06 20.18
CA GLY B 521 -4.13 -0.08 21.49
C GLY B 521 -5.12 0.16 22.60
N GLY B 522 -4.61 0.28 23.83
CA GLY B 522 -5.43 0.38 25.03
C GLY B 522 -6.22 1.67 25.21
N LYS B 523 -6.03 2.64 24.32
CA LYS B 523 -6.73 3.94 24.41
C LYS B 523 -7.94 4.01 23.45
N TYR B 524 -8.10 2.98 22.64
CA TYR B 524 -9.22 2.86 21.71
C TYR B 524 -10.53 2.81 22.51
N ARG B 525 -11.58 3.43 21.99
CA ARG B 525 -12.89 3.41 22.65
C ARG B 525 -13.91 2.79 21.71
N LYS B 526 -14.17 3.46 20.59
CA LYS B 526 -15.08 2.97 19.57
C LYS B 526 -15.07 3.90 18.37
N VAL B 527 -14.54 3.41 17.25
CA VAL B 527 -14.66 4.14 15.98
C VAL B 527 -15.50 3.35 14.99
N THR B 528 -16.47 4.02 14.38
CA THR B 528 -17.33 3.43 13.36
C THR B 528 -17.02 4.04 12.00
N PHE B 529 -17.30 3.28 10.94
CA PHE B 529 -17.19 3.78 9.56
C PHE B 529 -17.98 5.07 9.36
N GLN B 530 -19.22 5.08 9.81
CA GLN B 530 -20.08 6.25 9.65
C GLN B 530 -19.50 7.51 10.29
N CYS B 531 -18.87 7.36 11.44
CA CYS B 531 -18.23 8.48 12.10
C CYS B 531 -17.08 9.04 11.28
N LEU B 532 -16.21 8.13 10.80
CA LEU B 532 -15.10 8.51 9.95
C LEU B 532 -15.58 9.20 8.68
N LYS B 533 -16.61 8.65 8.07
CA LYS B 533 -17.20 9.18 6.85
C LYS B 533 -17.68 10.61 7.10
N SER B 534 -18.29 10.83 8.26
CA SER B 534 -18.76 12.16 8.66
C SER B 534 -17.61 13.15 8.78
N ILE B 535 -16.52 12.72 9.41
CA ILE B 535 -15.36 13.58 9.58
C ILE B 535 -14.79 13.97 8.21
N ALA B 536 -14.73 13.00 7.29
CA ALA B 536 -14.31 13.26 5.92
C ALA B 536 -15.22 14.28 5.21
N TRP B 537 -16.54 14.14 5.36
CA TRP B 537 -17.44 15.09 4.72
C TRP B 537 -17.22 16.51 5.26
N ARG B 538 -17.16 16.64 6.59
CA ARG B 538 -16.99 17.94 7.21
C ARG B 538 -15.75 18.63 6.66
N ALA B 539 -14.70 17.84 6.45
CA ALA B 539 -13.42 18.34 5.93
C ALA B 539 -13.58 18.92 4.54
N PHE B 540 -14.35 18.23 3.69
CA PHE B 540 -14.62 18.72 2.36
C PHE B 540 -15.43 20.01 2.42
N LEU B 541 -16.51 20.01 3.20
CA LEU B 541 -17.32 21.20 3.38
C LEU B 541 -16.50 22.41 3.82
N ALA B 542 -15.58 22.18 4.75
CA ALA B 542 -14.69 23.23 5.21
C ALA B 542 -13.90 23.85 4.06
N VAL B 543 -13.43 23.01 3.14
CA VAL B 543 -12.65 23.52 2.01
C VAL B 543 -13.58 24.14 0.96
N LEU B 544 -14.54 23.36 0.48
CA LEU B 544 -15.51 23.82 -0.53
C LEU B 544 -16.11 25.18 -0.19
N LYS B 545 -16.37 25.41 1.09
CA LYS B 545 -16.96 26.65 1.57
C LYS B 545 -16.15 27.88 1.16
N ARG B 546 -14.87 27.68 0.86
CA ARG B 546 -14.00 28.77 0.42
C ARG B 546 -14.33 29.24 -0.99
N ARG B 547 -15.21 28.51 -1.69
CA ARG B 547 -15.78 28.97 -2.96
C ARG B 547 -17.29 28.73 -3.00
N THR B 548 -18.03 29.34 -2.08
CA THR B 548 -19.48 29.14 -2.01
C THR B 548 -20.15 29.43 -3.34
N GLU B 549 -19.69 30.46 -4.03
CA GLU B 549 -20.17 30.78 -5.38
C GLU B 549 -20.09 29.54 -6.29
N ILE B 550 -18.89 28.99 -6.46
CA ILE B 550 -18.65 27.89 -7.38
C ILE B 550 -19.21 26.55 -6.88
N TYR B 551 -19.12 26.30 -5.57
CA TYR B 551 -19.53 25.02 -4.99
C TYR B 551 -20.90 25.03 -4.28
N LYS B 552 -21.71 26.05 -4.55
CA LYS B 552 -23.03 26.23 -3.91
C LYS B 552 -23.90 24.96 -3.88
N GLY B 553 -24.14 24.39 -5.06
CA GLY B 553 -24.99 23.21 -5.19
C GLY B 553 -24.37 21.99 -4.53
N LEU B 554 -23.05 21.88 -4.67
CA LEU B 554 -22.32 20.76 -4.08
C LEU B 554 -22.41 20.76 -2.55
N ILE B 555 -22.28 21.94 -1.95
CA ILE B 555 -22.41 22.12 -0.51
C ILE B 555 -23.81 21.73 -0.05
N ASP B 556 -24.82 22.33 -0.69
CA ASP B 556 -26.22 22.02 -0.38
C ASP B 556 -26.52 20.54 -0.52
N ARG B 557 -25.87 19.90 -1.50
CA ARG B 557 -26.05 18.47 -1.73
C ARG B 557 -25.50 17.64 -0.57
N ILE B 558 -24.27 17.94 -0.16
CA ILE B 558 -23.66 17.26 0.97
C ILE B 558 -24.53 17.39 2.22
N LYS B 559 -25.05 18.60 2.46
CA LYS B 559 -25.79 18.89 3.70
C LYS B 559 -27.15 18.21 3.73
N SER B 560 -27.71 17.95 2.57
CA SER B 560 -29.03 17.32 2.51
C SER B 560 -28.98 15.82 2.31
N ARG B 561 -27.90 15.31 1.73
CA ARG B 561 -27.78 13.89 1.43
C ARG B 561 -26.89 13.10 2.38
N GLU B 562 -25.92 13.75 3.03
CA GLU B 562 -24.96 13.04 3.88
C GLU B 562 -25.07 13.33 5.38
N LYS B 563 -24.73 12.33 6.18
CA LYS B 563 -24.75 12.46 7.62
C LYS B 563 -23.49 13.20 8.06
N LEU B 564 -23.68 14.43 8.53
CA LEU B 564 -22.56 15.26 8.97
C LEU B 564 -22.36 15.26 10.49
N THR B 565 -23.35 14.79 11.23
CA THR B 565 -23.27 14.75 12.68
C THR B 565 -22.68 13.42 13.14
N MET B 566 -21.70 13.47 14.05
CA MET B 566 -21.12 12.26 14.63
C MET B 566 -21.19 12.24 16.14
N LYS B 567 -21.13 11.03 16.71
CA LYS B 567 -21.09 10.85 18.14
C LYS B 567 -19.66 10.58 18.60
N PHE B 568 -19.22 11.31 19.60
CA PHE B 568 -17.90 11.12 20.19
C PHE B 568 -17.94 10.26 21.44
N HIS B 569 -16.81 9.64 21.78
CA HIS B 569 -16.74 8.78 22.95
C HIS B 569 -15.76 9.26 24.00
N ASP B 570 -15.17 10.41 23.75
CA ASP B 570 -14.23 11.00 24.69
C ASP B 570 -14.74 12.37 25.10
N GLY B 571 -15.17 12.49 26.34
CA GLY B 571 -15.69 13.77 26.83
C GLY B 571 -14.68 14.90 26.76
N GLU B 572 -13.46 14.58 26.33
CA GLU B 572 -12.38 15.55 26.25
C GLU B 572 -12.22 16.06 24.83
N VAL B 573 -12.92 15.45 23.89
CA VAL B 573 -12.87 15.85 22.51
C VAL B 573 -13.07 17.35 22.38
N ASP B 574 -12.34 17.96 21.46
CA ASP B 574 -12.63 19.32 21.06
C ASP B 574 -13.51 19.23 19.83
N ALA B 575 -14.82 19.21 20.05
CA ALA B 575 -15.77 19.01 18.96
C ALA B 575 -15.77 20.18 18.00
N SER B 576 -15.40 21.36 18.50
CA SER B 576 -15.34 22.57 17.67
C SER B 576 -14.26 22.48 16.60
N TYR B 577 -13.32 21.55 16.75
CA TYR B 577 -12.25 21.38 15.78
C TYR B 577 -12.76 20.94 14.40
N PHE B 578 -13.94 20.33 14.37
CA PHE B 578 -14.44 19.77 13.13
C PHE B 578 -15.42 20.69 12.40
N CYS B 579 -15.68 21.86 13.01
CA CYS B 579 -16.63 22.84 12.50
C CYS B 579 -16.07 23.68 11.39
N LYS B 580 -14.74 23.84 11.35
CA LYS B 580 -14.09 24.77 10.42
C LYS B 580 -12.70 24.38 9.99
N LEU B 581 -12.10 25.23 9.17
CA LEU B 581 -10.71 25.10 8.77
C LEU B 581 -9.78 25.27 9.96
N PRO B 582 -8.96 24.24 10.26
CA PRO B 582 -7.88 24.44 11.23
C PRO B 582 -7.07 25.66 10.82
N GLU B 583 -6.65 26.47 11.79
CA GLU B 583 -5.93 27.72 11.48
C GLU B 583 -4.73 27.53 10.53
N LYS B 584 -4.06 26.40 10.64
CA LYS B 584 -2.93 26.08 9.76
C LYS B 584 -3.35 25.96 8.29
N PHE B 585 -4.62 25.62 8.05
CA PHE B 585 -5.13 25.43 6.69
C PHE B 585 -6.01 26.59 6.23
N ARG B 586 -6.30 27.51 7.13
CA ARG B 586 -7.33 28.52 6.90
C ARG B 586 -6.89 29.63 5.96
N PHE B 587 -5.59 29.92 5.92
CA PHE B 587 -5.07 31.08 5.18
C PHE B 587 -4.27 30.78 3.91
N VAL B 588 -4.13 29.50 3.55
CA VAL B 588 -3.49 29.13 2.28
C VAL B 588 -4.21 29.78 1.10
N LYS B 589 -3.48 30.01 0.03
CA LYS B 589 -4.03 30.71 -1.13
C LYS B 589 -4.57 29.72 -2.15
N ILE B 590 -5.78 30.00 -2.62
CA ILE B 590 -6.47 29.11 -3.55
C ILE B 590 -6.79 29.81 -4.88
N ASN B 591 -6.32 31.04 -5.04
CA ASN B 591 -6.54 31.77 -6.29
C ASN B 591 -5.24 32.03 -7.05
N ARG B 592 -5.26 31.81 -8.36
CA ARG B 592 -4.12 32.11 -9.22
C ARG B 592 -4.09 33.57 -9.63
N LYS B 593 -2.91 34.19 -9.56
CA LYS B 593 -2.74 35.54 -10.05
C LYS B 593 -1.28 35.79 -10.44
N ALA B 594 -1.08 36.13 -11.70
CA ALA B 594 0.26 36.43 -12.21
C ALA B 594 0.82 37.65 -11.47
N SER B 595 1.91 37.44 -10.75
CA SER B 595 2.53 38.50 -9.97
C SER B 595 3.63 39.17 -10.79
N ILE B 596 4.34 38.35 -11.55
CA ILE B 596 5.34 38.84 -12.50
C ILE B 596 4.77 38.85 -13.91
#